data_2P3E
#
_entry.id   2P3E
#
_cell.length_a   75.515
_cell.length_b   87.675
_cell.length_c   152.581
_cell.angle_alpha   90.00
_cell.angle_beta   90.00
_cell.angle_gamma   90.00
#
_symmetry.space_group_name_H-M   'P 21 21 21'
#
loop_
_entity.id
_entity.type
_entity.pdbx_description
1 polymer 'Diaminopimelate decarboxylase'
2 water water
#
_entity_poly.entity_id   1
_entity_poly.type   'polypeptide(L)'
_entity_poly.pdbx_seq_one_letter_code
;MELLKEYNPYLEYRDGELFIEGVSLKELAQTFGTPLYVYSSNFIKERFEAYRKAFPDALICYAVKANFNPHLVKLLGELG
AGADIVSGGELYLAKKAGIPPERIVYAGVGKTEKELTDAVDSEILMFNVESRQELDVLNEIAGKLGKKARIAIRVNPDVD
PKTHPYIATGMQKSKFGVDIREAQKEYEYASKLENLEIVGIHCHIGSQILDISPYREAVEKVVSLYESLTQKGFDIKYLD
IGGGLGIKYKPEDKEPAPQDLADLLKDLLENVKAKIILEPGRSIMGNAGILITQVQFLKDKGSKHFIIVDAGMNDLIRPS
IYNAYHHIIPVETKERKKVVADIVGPICETGDFLALDREIEEVQRGEYLAVLSAGAYGFAMSSHYNMRPRAAEVLVENGS
VKLIRKRENYDYIVEPSLDI
;
_entity_poly.pdbx_strand_id   A,B
#
# COMPACT_ATOMS: atom_id res chain seq x y z
N GLU A 2 -8.39 27.72 -19.20
CA GLU A 2 -8.00 26.45 -19.89
C GLU A 2 -7.82 25.35 -18.85
N LEU A 3 -8.53 24.24 -19.04
CA LEU A 3 -8.62 23.17 -18.03
C LEU A 3 -7.26 22.74 -17.47
N LEU A 4 -6.32 22.46 -18.38
CA LEU A 4 -4.97 22.05 -17.99
C LEU A 4 -4.36 22.96 -16.92
N LYS A 5 -4.45 24.27 -17.17
CA LYS A 5 -3.83 25.26 -16.29
C LYS A 5 -4.61 25.50 -14.99
N GLU A 6 -5.89 25.12 -14.98
CA GLU A 6 -6.68 25.07 -13.74
C GLU A 6 -6.12 24.01 -12.76
N TYR A 7 -5.62 22.91 -13.32
CA TYR A 7 -4.95 21.91 -12.50
C TYR A 7 -3.61 22.44 -12.00
N ASN A 8 -2.78 22.90 -12.92
CA ASN A 8 -1.46 23.43 -12.61
C ASN A 8 -1.05 24.39 -13.74
N PRO A 9 -0.88 25.70 -13.40
CA PRO A 9 -0.57 26.73 -14.41
C PRO A 9 0.83 26.61 -15.05
N TYR A 10 1.68 25.76 -14.49
CA TYR A 10 3.00 25.52 -15.07
C TYR A 10 2.99 24.41 -16.12
N LEU A 11 1.81 23.83 -16.36
CA LEU A 11 1.64 22.83 -17.41
C LEU A 11 1.20 23.51 -18.69
N GLU A 12 1.75 23.10 -19.82
CA GLU A 12 1.31 23.60 -21.12
C GLU A 12 1.64 22.61 -22.23
N TYR A 13 0.87 22.64 -23.31
CA TYR A 13 1.25 21.96 -24.53
C TYR A 13 2.01 22.95 -25.44
N ARG A 14 3.19 22.55 -25.90
CA ARG A 14 3.96 23.30 -26.90
C ARG A 14 4.12 22.45 -28.15
N ASP A 15 3.39 22.83 -29.21
CA ASP A 15 3.43 22.09 -30.49
C ASP A 15 3.01 20.63 -30.31
N GLY A 16 1.93 20.43 -29.56
CA GLY A 16 1.41 19.09 -29.26
C GLY A 16 2.25 18.28 -28.28
N GLU A 17 3.21 18.90 -27.61
CA GLU A 17 4.02 18.24 -26.59
C GLU A 17 3.77 18.83 -25.19
N LEU A 18 3.55 17.96 -24.21
CA LEU A 18 3.27 18.43 -22.85
C LEU A 18 4.56 18.83 -22.13
N PHE A 19 4.54 20.02 -21.54
CA PHE A 19 5.67 20.59 -20.81
C PHE A 19 5.25 20.90 -19.36
N ILE A 20 6.19 20.77 -18.44
CA ILE A 20 6.01 21.29 -17.07
C ILE A 20 7.18 22.18 -16.69
N GLU A 21 6.88 23.40 -16.26
CA GLU A 21 7.90 24.41 -15.97
C GLU A 21 8.98 24.49 -17.07
N GLY A 22 8.56 24.42 -18.33
CA GLY A 22 9.51 24.61 -19.45
C GLY A 22 10.33 23.40 -19.85
N VAL A 23 10.02 22.24 -19.23
CA VAL A 23 10.69 20.98 -19.57
C VAL A 23 9.67 19.99 -20.18
N SER A 24 10.05 19.34 -21.27
CA SER A 24 9.19 18.37 -21.95
C SER A 24 9.03 17.12 -21.08
N LEU A 25 7.78 16.68 -20.89
CA LEU A 25 7.54 15.42 -20.17
C LEU A 25 7.99 14.20 -20.96
N LYS A 26 7.88 14.28 -22.29
CA LYS A 26 8.37 13.20 -23.15
C LYS A 26 9.88 13.03 -22.95
N GLU A 27 10.61 14.14 -22.94
CA GLU A 27 12.06 14.07 -22.68
C GLU A 27 12.36 13.54 -21.27
N LEU A 28 11.59 13.98 -20.28
CA LEU A 28 11.77 13.49 -18.91
C LEU A 28 11.53 11.97 -18.83
N ALA A 29 10.44 11.51 -19.41
CA ALA A 29 10.12 10.06 -19.49
C ALA A 29 11.22 9.26 -20.19
N GLN A 30 11.71 9.78 -21.32
CA GLN A 30 12.80 9.12 -22.07
C GLN A 30 14.09 9.09 -21.26
N THR A 31 14.34 10.17 -20.53
CA THR A 31 15.62 10.31 -19.82
C THR A 31 15.64 9.54 -18.49
N PHE A 32 14.58 9.67 -17.70
CA PHE A 32 14.54 9.06 -16.37
C PHE A 32 13.73 7.77 -16.31
N GLY A 33 13.03 7.44 -17.39
CA GLY A 33 12.21 6.21 -17.42
C GLY A 33 10.84 6.43 -16.80
N THR A 34 9.97 5.42 -16.91
CA THR A 34 8.63 5.44 -16.34
C THR A 34 8.41 4.14 -15.58
N PRO A 35 7.51 4.14 -14.56
CA PRO A 35 6.74 5.27 -14.07
C PRO A 35 7.62 6.39 -13.52
N LEU A 36 7.16 7.63 -13.65
CA LEU A 36 7.93 8.78 -13.18
C LEU A 36 7.03 9.82 -12.51
N TYR A 37 7.38 10.21 -11.29
CA TYR A 37 6.70 11.27 -10.59
C TYR A 37 7.44 12.57 -10.89
N VAL A 38 6.73 13.55 -11.42
CA VAL A 38 7.35 14.83 -11.76
C VAL A 38 6.68 15.97 -10.98
N TYR A 39 7.48 16.76 -10.27
CA TYR A 39 6.95 17.82 -9.41
C TYR A 39 7.39 19.20 -9.89
N SER A 40 6.47 20.17 -9.81
CA SER A 40 6.74 21.59 -10.08
C SER A 40 7.16 22.33 -8.80
N SER A 41 8.41 22.82 -8.80
CA SER A 41 8.96 23.57 -7.68
C SER A 41 8.19 24.87 -7.42
N ASN A 42 7.90 25.60 -8.49
CA ASN A 42 7.19 26.87 -8.34
C ASN A 42 5.73 26.72 -7.97
N PHE A 43 5.09 25.61 -8.36
CA PHE A 43 3.74 25.35 -7.89
C PHE A 43 3.73 25.21 -6.35
N ILE A 44 4.63 24.39 -5.84
CA ILE A 44 4.75 24.15 -4.40
C ILE A 44 5.00 25.49 -3.65
N LYS A 45 5.98 26.26 -4.11
CA LYS A 45 6.26 27.57 -3.51
C LYS A 45 5.03 28.48 -3.54
N GLU A 46 4.42 28.60 -4.71
CA GLU A 46 3.22 29.44 -4.90
C GLU A 46 2.07 29.03 -3.98
N ARG A 47 1.82 27.73 -3.84
CA ARG A 47 0.77 27.27 -2.93
C ARG A 47 1.06 27.58 -1.46
N PHE A 48 2.30 27.39 -1.03
CA PHE A 48 2.69 27.73 0.33
C PHE A 48 2.51 29.23 0.55
N GLU A 49 3.00 30.01 -0.41
CA GLU A 49 2.94 31.47 -0.29
C GLU A 49 1.49 31.99 -0.28
N ALA A 50 0.60 31.27 -0.96
CA ALA A 50 -0.83 31.60 -0.92
C ALA A 50 -1.36 31.58 0.52
N TYR A 51 -0.93 30.58 1.31
CA TYR A 51 -1.27 30.52 2.75
C TYR A 51 -0.65 31.65 3.54
N ARG A 52 0.61 31.94 3.27
CA ARG A 52 1.28 33.05 3.98
C ARG A 52 0.63 34.40 3.68
N LYS A 53 0.21 34.62 2.44
CA LYS A 53 -0.45 35.88 2.05
C LYS A 53 -1.83 36.00 2.67
N ALA A 54 -2.57 34.90 2.71
CA ALA A 54 -3.91 34.91 3.25
C ALA A 54 -3.93 34.97 4.78
N PHE A 55 -2.91 34.40 5.43
CA PHE A 55 -2.81 34.31 6.89
C PHE A 55 -1.43 34.78 7.35
N PRO A 56 -1.14 36.10 7.20
CA PRO A 56 0.23 36.61 7.41
C PRO A 56 0.83 36.41 8.80
N ASP A 57 -0.03 36.25 9.81
CA ASP A 57 0.45 36.07 11.18
C ASP A 57 0.38 34.62 11.68
N ALA A 58 -0.01 33.70 10.81
CA ALA A 58 -0.19 32.29 11.19
C ALA A 58 1.08 31.47 10.98
N LEU A 59 1.23 30.38 11.73
CA LEU A 59 2.26 29.39 11.42
C LEU A 59 1.67 28.37 10.45
N ILE A 60 2.36 28.15 9.34
CA ILE A 60 1.89 27.24 8.31
C ILE A 60 2.70 25.94 8.40
N CYS A 61 2.10 24.89 8.97
CA CYS A 61 2.80 23.63 9.17
C CYS A 61 2.42 22.69 8.03
N TYR A 62 3.38 22.38 7.17
CA TYR A 62 3.18 21.40 6.10
C TYR A 62 2.84 20.03 6.69
N ALA A 63 1.75 19.45 6.23
CA ALA A 63 1.36 18.10 6.70
C ALA A 63 2.18 17.05 5.93
N VAL A 64 3.24 16.59 6.58
CA VAL A 64 4.23 15.73 5.97
C VAL A 64 3.64 14.39 5.46
N LYS A 65 2.53 13.96 6.05
CA LYS A 65 1.82 12.74 5.58
C LYS A 65 1.54 12.72 4.06
N ALA A 66 1.32 13.90 3.47
CA ALA A 66 0.95 14.02 2.05
C ALA A 66 2.11 13.61 1.13
N ASN A 67 3.33 13.80 1.60
CA ASN A 67 4.52 13.55 0.77
C ASN A 67 5.79 13.72 1.58
N PHE A 68 6.54 12.64 1.72
CA PHE A 68 7.72 12.61 2.57
C PHE A 68 9.08 12.82 1.90
N ASN A 69 9.10 13.15 0.62
CA ASN A 69 10.39 13.38 -0.06
C ASN A 69 11.17 14.49 0.66
N PRO A 70 12.39 14.16 1.16
CA PRO A 70 13.12 15.12 2.01
C PRO A 70 13.50 16.41 1.29
N HIS A 71 13.69 16.35 -0.04
CA HIS A 71 14.01 17.54 -0.84
C HIS A 71 12.78 18.45 -0.95
N LEU A 72 11.60 17.85 -0.95
CA LEU A 72 10.35 18.64 -0.99
C LEU A 72 10.05 19.26 0.36
N VAL A 73 10.28 18.51 1.43
CA VAL A 73 10.11 19.05 2.79
C VAL A 73 11.14 20.18 3.04
N LYS A 74 12.37 20.00 2.58
CA LYS A 74 13.40 21.07 2.72
C LYS A 74 13.03 22.35 1.94
N LEU A 75 12.48 22.18 0.74
CA LEU A 75 11.96 23.28 -0.08
C LEU A 75 10.98 24.14 0.73
N LEU A 76 10.00 23.48 1.33
CA LEU A 76 9.02 24.16 2.16
C LEU A 76 9.66 24.75 3.42
N GLY A 77 10.58 24.01 4.04
CA GLY A 77 11.30 24.46 5.24
C GLY A 77 12.03 25.79 5.04
N GLU A 78 12.59 25.96 3.85
CA GLU A 78 13.35 27.17 3.50
C GLU A 78 12.48 28.39 3.30
N LEU A 79 11.18 28.17 3.06
CA LEU A 79 10.21 29.26 2.95
C LEU A 79 9.63 29.62 4.32
N GLY A 80 10.06 28.93 5.35
CA GLY A 80 9.58 29.16 6.74
C GLY A 80 8.44 28.23 7.15
N ALA A 81 8.19 27.17 6.39
CA ALA A 81 7.14 26.22 6.73
C ALA A 81 7.47 25.52 8.04
N GLY A 82 6.43 25.24 8.81
CA GLY A 82 6.53 24.29 9.91
C GLY A 82 6.25 22.88 9.41
N ALA A 83 6.10 21.94 10.35
CA ALA A 83 5.83 20.55 10.01
C ALA A 83 4.78 19.99 10.95
N ASP A 84 3.66 19.55 10.37
CA ASP A 84 2.66 18.79 11.10
C ASP A 84 3.02 17.33 10.86
N ILE A 85 3.47 16.67 11.94
CA ILE A 85 3.98 15.30 11.88
C ILE A 85 3.07 14.32 12.61
N VAL A 86 3.07 13.06 12.19
CA VAL A 86 2.27 12.03 12.83
C VAL A 86 3.10 10.80 13.22
N SER A 87 4.43 10.87 13.06
CA SER A 87 5.30 9.76 13.43
C SER A 87 6.70 10.22 13.75
N GLY A 88 7.49 9.33 14.36
CA GLY A 88 8.90 9.59 14.59
C GLY A 88 9.70 9.70 13.29
N GLY A 89 9.27 8.98 12.25
CA GLY A 89 9.91 9.08 10.93
C GLY A 89 9.67 10.45 10.32
N GLU A 90 8.48 11.01 10.52
CA GLU A 90 8.21 12.38 10.07
C GLU A 90 8.96 13.44 10.89
N LEU A 91 9.13 13.20 12.18
CA LEU A 91 9.99 14.06 13.01
C LEU A 91 11.44 14.09 12.46
N TYR A 92 11.99 12.90 12.25
CA TYR A 92 13.33 12.69 11.66
C TYR A 92 13.50 13.47 10.35
N LEU A 93 12.49 13.35 9.49
CA LEU A 93 12.44 14.02 8.21
C LEU A 93 12.42 15.54 8.34
N ALA A 94 11.53 16.06 9.19
CA ALA A 94 11.45 17.50 9.41
C ALA A 94 12.78 18.06 9.94
N LYS A 95 13.36 17.37 10.92
CA LYS A 95 14.66 17.72 11.48
C LYS A 95 15.76 17.71 10.41
N LYS A 96 15.78 16.65 9.60
CA LYS A 96 16.72 16.52 8.48
C LYS A 96 16.59 17.69 7.52
N ALA A 97 15.34 18.10 7.28
CA ALA A 97 15.01 19.22 6.38
C ALA A 97 15.35 20.60 6.95
N GLY A 98 15.70 20.66 8.23
CA GLY A 98 16.06 21.92 8.88
C GLY A 98 14.90 22.72 9.44
N ILE A 99 13.73 22.09 9.59
CA ILE A 99 12.60 22.73 10.27
C ILE A 99 12.85 22.68 11.79
N PRO A 100 12.87 23.84 12.46
CA PRO A 100 13.16 23.83 13.88
C PRO A 100 11.99 23.27 14.69
N PRO A 101 12.29 22.69 15.87
CA PRO A 101 11.29 22.09 16.76
C PRO A 101 10.15 23.02 17.15
N GLU A 102 10.43 24.34 17.28
CA GLU A 102 9.39 25.30 17.62
C GLU A 102 8.36 25.51 16.51
N ARG A 103 8.60 24.91 15.34
CA ARG A 103 7.60 24.90 14.27
C ARG A 103 7.05 23.50 13.96
N ILE A 104 7.28 22.58 14.88
CA ILE A 104 6.81 21.22 14.72
C ILE A 104 5.67 20.89 15.69
N VAL A 105 4.55 20.40 15.13
CA VAL A 105 3.43 19.87 15.92
C VAL A 105 3.19 18.39 15.57
N TYR A 106 2.83 17.60 16.57
CA TYR A 106 2.76 16.14 16.47
C TYR A 106 1.33 15.67 16.76
N ALA A 107 0.63 15.24 15.71
CA ALA A 107 -0.75 14.79 15.81
C ALA A 107 -0.88 13.27 15.69
N GLY A 108 -2.11 12.79 15.82
CA GLY A 108 -2.47 11.40 15.55
C GLY A 108 -2.25 10.44 16.71
N VAL A 109 -2.55 9.18 16.45
CA VAL A 109 -2.47 8.13 17.47
C VAL A 109 -1.22 7.25 17.31
N GLY A 110 -0.42 7.54 16.28
CA GLY A 110 0.83 6.83 15.99
C GLY A 110 1.96 7.34 16.88
N LYS A 111 1.90 6.95 18.16
CA LYS A 111 2.78 7.53 19.19
C LYS A 111 3.29 6.47 20.18
N THR A 112 4.32 5.75 19.75
CA THR A 112 5.01 4.77 20.61
C THR A 112 5.85 5.48 21.66
N GLU A 113 6.31 4.73 22.66
CA GLU A 113 7.15 5.30 23.73
C GLU A 113 8.39 5.99 23.16
N LYS A 114 9.07 5.33 22.22
CA LYS A 114 10.28 5.86 21.59
C LYS A 114 10.02 7.15 20.82
N GLU A 115 8.96 7.14 20.00
CA GLU A 115 8.61 8.31 19.18
C GLU A 115 8.32 9.52 20.06
N LEU A 116 7.50 9.31 21.10
CA LEU A 116 7.19 10.36 22.07
C LEU A 116 8.40 10.86 22.83
N THR A 117 9.29 9.94 23.23
CA THR A 117 10.52 10.33 23.94
C THR A 117 11.33 11.28 23.07
N ASP A 118 11.55 10.88 21.81
CA ASP A 118 12.32 11.70 20.86
C ASP A 118 11.68 13.08 20.69
N ALA A 119 10.36 13.12 20.57
CA ALA A 119 9.66 14.38 20.31
C ALA A 119 9.69 15.30 21.54
N VAL A 120 9.44 14.75 22.73
CA VAL A 120 9.56 15.53 23.98
C VAL A 120 11.00 16.08 24.13
N ASP A 121 11.96 15.18 24.02
CA ASP A 121 13.38 15.55 24.10
C ASP A 121 13.73 16.63 23.06
N SER A 122 13.12 16.57 21.88
CA SER A 122 13.34 17.58 20.82
C SER A 122 12.71 18.95 21.12
N GLU A 123 11.84 18.99 22.12
CA GLU A 123 11.13 20.23 22.50
C GLU A 123 10.32 20.80 21.36
N ILE A 124 9.48 19.96 20.75
CA ILE A 124 8.57 20.39 19.70
C ILE A 124 7.55 21.39 20.25
N LEU A 125 6.93 22.14 19.34
CA LEU A 125 5.99 23.19 19.74
C LEU A 125 4.85 22.64 20.58
N MET A 126 4.23 21.56 20.13
CA MET A 126 2.98 21.12 20.71
C MET A 126 2.64 19.68 20.30
N PHE A 127 2.16 18.88 21.25
CA PHE A 127 1.53 17.59 20.92
C PHE A 127 0.03 17.81 20.80
N ASN A 128 -0.53 17.38 19.68
CA ASN A 128 -1.98 17.41 19.51
C ASN A 128 -2.56 16.08 19.97
N VAL A 129 -3.07 16.10 21.20
CA VAL A 129 -3.31 14.90 21.99
C VAL A 129 -4.62 14.21 21.63
N GLU A 130 -4.58 12.89 21.52
CA GLU A 130 -5.73 12.11 21.02
C GLU A 130 -6.43 11.23 22.06
N SER A 131 -5.90 11.18 23.28
CA SER A 131 -6.48 10.36 24.36
C SER A 131 -6.01 10.83 25.72
N ARG A 132 -6.82 10.54 26.75
CA ARG A 132 -6.37 10.75 28.12
C ARG A 132 -5.12 9.93 28.46
N GLN A 133 -5.08 8.67 28.05
CA GLN A 133 -3.91 7.85 28.31
C GLN A 133 -2.64 8.48 27.74
N GLU A 134 -2.77 9.10 26.57
CA GLU A 134 -1.65 9.81 25.95
C GLU A 134 -1.18 10.97 26.85
N LEU A 135 -2.12 11.66 27.49
CA LEU A 135 -1.75 12.68 28.48
C LEU A 135 -0.87 12.09 29.59
N ASP A 136 -1.31 10.96 30.16
CA ASP A 136 -0.55 10.25 31.21
C ASP A 136 0.84 9.80 30.73
N VAL A 137 0.90 9.24 29.52
CA VAL A 137 2.16 8.77 28.93
C VAL A 137 3.13 9.94 28.70
N LEU A 138 2.65 11.01 28.08
CA LEU A 138 3.50 12.19 27.84
C LEU A 138 4.01 12.76 29.16
N ASN A 139 3.13 12.77 30.17
CA ASN A 139 3.49 13.29 31.51
C ASN A 139 4.62 12.50 32.14
N GLU A 140 4.55 11.17 32.01
CA GLU A 140 5.59 10.29 32.53
C GLU A 140 6.92 10.52 31.83
N ILE A 141 6.88 10.54 30.50
CA ILE A 141 8.06 10.76 29.65
C ILE A 141 8.71 12.11 29.94
N ALA A 142 7.90 13.16 30.00
CA ALA A 142 8.44 14.50 30.27
C ALA A 142 9.11 14.53 31.64
N GLY A 143 8.48 13.91 32.64
CA GLY A 143 9.02 13.78 33.98
C GLY A 143 10.38 13.10 33.99
N LYS A 144 10.52 12.02 33.23
CA LYS A 144 11.79 11.27 33.18
C LYS A 144 12.91 12.04 32.48
N LEU A 145 12.52 13.01 31.64
CA LEU A 145 13.51 13.79 30.91
C LEU A 145 13.80 15.13 31.60
N GLY A 146 13.05 15.43 32.66
CA GLY A 146 13.16 16.70 33.37
C GLY A 146 12.70 17.86 32.51
N LYS A 147 11.74 17.58 31.62
CA LYS A 147 11.23 18.56 30.67
C LYS A 147 9.72 18.73 30.80
N LYS A 148 9.18 19.73 30.10
CA LYS A 148 7.75 19.89 29.97
C LYS A 148 7.35 19.45 28.55
N ALA A 149 6.21 18.78 28.45
CA ALA A 149 5.60 18.50 27.16
C ALA A 149 4.46 19.49 26.99
N ARG A 150 4.51 20.24 25.88
CA ARG A 150 3.45 21.21 25.53
C ARG A 150 2.30 20.52 24.79
N ILE A 151 1.07 20.76 25.24
CA ILE A 151 -0.06 20.05 24.69
C ILE A 151 -1.22 20.91 24.20
N ALA A 152 -1.94 20.34 23.25
CA ALA A 152 -3.28 20.76 22.86
C ALA A 152 -4.15 19.52 22.87
N ILE A 153 -5.43 19.68 23.20
CA ILE A 153 -6.37 18.59 23.01
C ILE A 153 -6.98 18.72 21.62
N ARG A 154 -7.05 17.60 20.90
CA ARG A 154 -7.75 17.58 19.62
C ARG A 154 -9.25 17.39 19.88
N VAL A 155 -10.00 18.40 19.47
CA VAL A 155 -11.44 18.46 19.70
C VAL A 155 -12.18 18.35 18.38
N ASN A 156 -13.35 17.72 18.42
CA ASN A 156 -14.21 17.60 17.25
C ASN A 156 -15.42 18.51 17.43
N PRO A 157 -15.44 19.66 16.72
CA PRO A 157 -16.56 20.59 16.82
C PRO A 157 -17.87 19.99 16.29
N SER A 174 -12.71 8.98 13.37
CA SER A 174 -13.56 8.23 14.31
C SER A 174 -12.76 7.70 15.49
N LYS A 175 -11.55 7.17 15.25
CA LYS A 175 -10.61 6.95 16.37
C LYS A 175 -10.04 8.28 16.88
N PHE A 176 -10.29 9.37 16.14
CA PHE A 176 -9.65 10.66 16.41
C PHE A 176 -10.47 11.64 17.27
N GLY A 177 -9.75 12.46 18.04
CA GLY A 177 -10.31 13.57 18.80
C GLY A 177 -11.28 13.22 19.90
N VAL A 178 -11.79 14.26 20.55
CA VAL A 178 -12.85 14.14 21.56
C VAL A 178 -13.94 15.16 21.23
N ASP A 179 -15.20 14.75 21.42
CA ASP A 179 -16.36 15.62 21.27
C ASP A 179 -16.05 16.91 22.04
N ILE A 180 -16.21 18.05 21.35
CA ILE A 180 -15.83 19.35 21.93
C ILE A 180 -16.60 19.65 23.24
N ARG A 181 -17.72 18.97 23.41
CA ARG A 181 -18.59 19.17 24.57
C ARG A 181 -18.07 18.46 25.82
N GLU A 182 -17.09 17.58 25.64
CA GLU A 182 -16.48 16.85 26.76
C GLU A 182 -14.98 17.17 26.82
N ALA A 183 -14.60 18.24 26.11
CA ALA A 183 -13.19 18.63 25.97
C ALA A 183 -12.65 19.34 27.21
N GLN A 184 -13.46 20.23 27.80
CA GLN A 184 -13.07 20.95 29.02
C GLN A 184 -12.64 20.00 30.13
N LYS A 185 -13.28 18.83 30.18
CA LYS A 185 -12.94 17.77 31.10
C LYS A 185 -11.51 17.27 30.89
N GLU A 186 -11.11 17.10 29.61
CA GLU A 186 -9.75 16.69 29.29
C GLU A 186 -8.74 17.75 29.66
N TYR A 187 -9.09 19.01 29.40
CA TYR A 187 -8.23 20.14 29.78
C TYR A 187 -8.03 20.18 31.29
N GLU A 188 -9.12 19.97 32.04
CA GLU A 188 -9.03 19.92 33.50
C GLU A 188 -8.18 18.76 33.98
N TYR A 189 -8.31 17.61 33.34
CA TYR A 189 -7.50 16.46 33.70
C TYR A 189 -6.02 16.73 33.44
N ALA A 190 -5.73 17.27 32.26
CA ALA A 190 -4.37 17.62 31.86
C ALA A 190 -3.72 18.64 32.82
N SER A 191 -4.51 19.61 33.28
CA SER A 191 -4.02 20.64 34.23
C SER A 191 -3.44 20.06 35.53
N LYS A 192 -3.83 18.82 35.87
CA LYS A 192 -3.40 18.16 37.11
C LYS A 192 -2.07 17.46 36.99
N LEU A 193 -1.59 17.30 35.75
CA LEU A 193 -0.36 16.57 35.46
C LEU A 193 0.79 17.55 35.41
N GLU A 194 1.74 17.35 36.31
CA GLU A 194 2.81 18.29 36.61
C GLU A 194 3.71 18.65 35.43
N ASN A 195 3.99 17.67 34.58
CA ASN A 195 4.97 17.84 33.49
C ASN A 195 4.37 18.26 32.16
N LEU A 196 3.08 18.55 32.15
CA LEU A 196 2.42 19.06 30.96
C LEU A 196 2.23 20.57 31.05
N GLU A 197 2.49 21.25 29.94
CA GLU A 197 2.12 22.64 29.80
C GLU A 197 1.01 22.73 28.75
N ILE A 198 -0.15 23.21 29.15
CA ILE A 198 -1.27 23.34 28.23
C ILE A 198 -1.11 24.64 27.45
N VAL A 199 -1.01 24.52 26.13
CA VAL A 199 -0.71 25.70 25.29
C VAL A 199 -1.62 25.88 24.08
N GLY A 200 -2.42 24.87 23.76
CA GLY A 200 -3.23 25.01 22.56
C GLY A 200 -4.55 24.30 22.51
N ILE A 201 -5.27 24.56 21.42
CA ILE A 201 -6.44 23.78 21.02
C ILE A 201 -6.22 23.38 19.55
N HIS A 202 -6.64 22.16 19.20
CA HIS A 202 -6.50 21.65 17.86
C HIS A 202 -7.83 21.09 17.36
N CYS A 203 -8.17 21.43 16.12
CA CYS A 203 -9.15 20.65 15.37
C CYS A 203 -8.63 20.31 13.98
N HIS A 204 -9.09 19.18 13.44
CA HIS A 204 -8.89 18.84 12.02
C HIS A 204 -10.19 18.22 11.55
N ILE A 205 -10.98 19.00 10.79
CA ILE A 205 -12.37 18.64 10.55
C ILE A 205 -12.62 17.66 9.40
N GLY A 206 -11.60 17.44 8.58
CA GLY A 206 -11.71 16.53 7.42
C GLY A 206 -10.66 16.79 6.36
N SER A 207 -10.88 16.23 5.18
CA SER A 207 -9.95 16.37 4.08
C SER A 207 -10.69 16.46 2.74
N GLN A 208 -10.01 17.01 1.74
CA GLN A 208 -10.59 17.25 0.42
C GLN A 208 -11.94 17.99 0.53
N ILE A 209 -11.92 19.12 1.24
CA ILE A 209 -13.10 19.94 1.45
C ILE A 209 -13.15 21.05 0.40
N LEU A 210 -14.07 20.91 -0.54
CA LEU A 210 -14.24 21.94 -1.58
C LEU A 210 -15.21 23.04 -1.17
N ASP A 211 -16.30 22.65 -0.51
CA ASP A 211 -17.25 23.61 0.12
C ASP A 211 -16.77 23.88 1.54
N ILE A 212 -16.16 25.04 1.73
CA ILE A 212 -15.48 25.36 2.99
C ILE A 212 -16.43 25.85 4.11
N SER A 213 -17.73 25.80 3.85
CA SER A 213 -18.75 26.28 4.81
C SER A 213 -18.64 25.72 6.24
N PRO A 214 -18.46 24.38 6.39
CA PRO A 214 -18.33 23.84 7.75
C PRO A 214 -17.20 24.39 8.61
N TYR A 215 -16.18 25.02 8.02
CA TYR A 215 -15.08 25.60 8.80
C TYR A 215 -15.57 26.73 9.72
N ARG A 216 -16.61 27.47 9.29
CA ARG A 216 -17.09 28.60 10.08
C ARG A 216 -17.66 28.14 11.42
N GLU A 217 -18.57 27.18 11.38
CA GLU A 217 -19.17 26.63 12.60
C GLU A 217 -18.12 25.96 13.48
N ALA A 218 -17.23 25.19 12.85
CA ALA A 218 -16.16 24.50 13.54
C ALA A 218 -15.24 25.46 14.30
N VAL A 219 -14.79 26.52 13.63
CA VAL A 219 -13.89 27.50 14.24
C VAL A 219 -14.63 28.34 15.30
N GLU A 220 -15.91 28.63 15.05
CA GLU A 220 -16.78 29.27 16.05
C GLU A 220 -16.74 28.51 17.36
N LYS A 221 -16.92 27.19 17.29
CA LYS A 221 -16.91 26.34 18.48
C LYS A 221 -15.54 26.27 19.17
N VAL A 222 -14.47 26.24 18.37
CA VAL A 222 -13.11 26.30 18.91
C VAL A 222 -12.88 27.59 19.71
N VAL A 223 -13.25 28.73 19.12
CA VAL A 223 -13.07 30.04 19.75
C VAL A 223 -13.92 30.18 21.02
N SER A 224 -15.14 29.65 20.97
CA SER A 224 -16.00 29.53 22.13
C SER A 224 -15.30 28.73 23.25
N LEU A 225 -14.67 27.61 22.89
CA LEU A 225 -13.88 26.82 23.85
C LEU A 225 -12.65 27.59 24.35
N TYR A 226 -11.97 28.26 23.41
CA TYR A 226 -10.83 29.13 23.70
C TYR A 226 -11.19 30.18 24.76
N GLU A 227 -12.34 30.82 24.59
CA GLU A 227 -12.78 31.87 25.53
C GLU A 227 -13.10 31.28 26.90
N SER A 228 -13.80 30.15 26.90
CA SER A 228 -14.16 29.43 28.13
C SER A 228 -12.92 29.01 28.96
N LEU A 229 -11.92 28.43 28.29
CA LEU A 229 -10.69 28.02 28.96
C LEU A 229 -9.88 29.23 29.44
N THR A 230 -9.87 30.30 28.63
CA THR A 230 -9.22 31.55 29.01
C THR A 230 -9.83 32.09 30.32
N GLN A 231 -11.16 32.07 30.40
CA GLN A 231 -11.89 32.49 31.61
C GLN A 231 -11.61 31.55 32.79
N LYS A 232 -11.39 30.28 32.48
CA LYS A 232 -11.04 29.26 33.48
C LYS A 232 -9.61 29.35 33.95
N GLY A 233 -8.83 30.26 33.37
CA GLY A 233 -7.43 30.46 33.79
C GLY A 233 -6.34 29.78 32.96
N PHE A 234 -6.74 29.01 31.93
CA PHE A 234 -5.78 28.42 31.00
C PHE A 234 -5.12 29.49 30.11
N ASP A 235 -3.84 29.30 29.79
CA ASP A 235 -3.11 30.18 28.84
C ASP A 235 -2.96 29.48 27.48
N ILE A 236 -4.00 29.60 26.65
CA ILE A 236 -4.03 28.99 25.31
C ILE A 236 -3.31 29.91 24.32
N LYS A 237 -2.07 29.57 23.98
CA LYS A 237 -1.24 30.37 23.09
C LYS A 237 -1.51 30.10 21.61
N TYR A 238 -1.98 28.89 21.31
CA TYR A 238 -2.10 28.42 19.91
C TYR A 238 -3.49 27.86 19.62
N LEU A 239 -4.02 28.25 18.47
CA LEU A 239 -5.21 27.64 17.92
C LEU A 239 -4.85 26.97 16.59
N ASP A 240 -4.74 25.66 16.61
CA ASP A 240 -4.38 24.90 15.40
C ASP A 240 -5.68 24.44 14.77
N ILE A 241 -6.07 25.08 13.68
CA ILE A 241 -7.35 24.77 13.01
C ILE A 241 -7.21 23.70 11.90
N GLY A 242 -6.03 23.09 11.81
CA GLY A 242 -5.85 21.90 10.97
C GLY A 242 -5.70 22.23 9.51
N GLY A 243 -5.88 21.21 8.67
CA GLY A 243 -5.76 21.34 7.23
C GLY A 243 -7.09 21.01 6.57
N GLY A 244 -7.03 20.34 5.42
CA GLY A 244 -8.22 19.77 4.81
C GLY A 244 -8.78 20.48 3.58
N LEU A 245 -8.20 21.64 3.22
CA LEU A 245 -8.64 22.35 2.02
C LEU A 245 -8.46 21.42 0.82
N GLY A 246 -9.55 21.25 0.09
CA GLY A 246 -9.58 20.39 -1.08
C GLY A 246 -8.92 20.99 -2.29
N ILE A 247 -8.62 20.15 -3.28
CA ILE A 247 -8.00 20.58 -4.54
C ILE A 247 -8.81 20.11 -5.72
N LYS A 248 -8.50 20.64 -6.90
CA LYS A 248 -9.18 20.26 -8.12
C LYS A 248 -8.69 18.88 -8.56
N TYR A 249 -9.61 17.92 -8.55
CA TYR A 249 -9.37 16.57 -9.09
C TYR A 249 -10.16 16.40 -10.39
N LYS A 250 -11.48 16.58 -10.29
CA LYS A 250 -12.39 16.45 -11.46
C LYS A 250 -12.40 17.76 -12.25
N PRO A 251 -12.62 17.68 -13.59
CA PRO A 251 -12.72 18.88 -14.45
C PRO A 251 -13.68 19.96 -13.94
N GLU A 252 -14.80 19.53 -13.35
CA GLU A 252 -15.83 20.41 -12.82
C GLU A 252 -15.54 20.92 -11.41
N ASP A 253 -14.54 20.34 -10.73
CA ASP A 253 -14.17 20.78 -9.37
C ASP A 253 -13.69 22.23 -9.39
N LYS A 254 -14.25 23.06 -8.50
CA LYS A 254 -13.75 24.41 -8.27
C LYS A 254 -13.14 24.46 -6.87
N GLU A 255 -11.80 24.54 -6.76
CA GLU A 255 -11.15 24.43 -5.46
C GLU A 255 -11.15 25.75 -4.71
N PRO A 256 -11.27 25.70 -3.37
CA PRO A 256 -11.15 26.94 -2.59
C PRO A 256 -9.70 27.42 -2.55
N ALA A 257 -9.49 28.72 -2.32
CA ALA A 257 -8.15 29.28 -2.15
C ALA A 257 -7.98 29.59 -0.67
N PRO A 258 -6.72 29.62 -0.17
CA PRO A 258 -6.50 30.05 1.22
C PRO A 258 -7.21 31.38 1.56
N GLN A 259 -7.18 32.33 0.64
CA GLN A 259 -7.88 33.60 0.82
C GLN A 259 -9.38 33.42 1.09
N ASP A 260 -10.02 32.49 0.40
CA ASP A 260 -11.43 32.17 0.68
C ASP A 260 -11.64 31.74 2.14
N LEU A 261 -10.71 30.94 2.67
CA LEU A 261 -10.83 30.48 4.05
C LEU A 261 -10.64 31.65 5.02
N ALA A 262 -9.63 32.47 4.73
CA ALA A 262 -9.35 33.63 5.57
C ALA A 262 -10.54 34.59 5.60
N ASP A 263 -11.19 34.78 4.44
CA ASP A 263 -12.40 35.62 4.35
C ASP A 263 -13.50 35.05 5.20
N LEU A 264 -13.70 33.73 5.12
CA LEU A 264 -14.72 33.05 5.90
C LEU A 264 -14.53 33.19 7.41
N LEU A 265 -13.28 33.15 7.88
CA LEU A 265 -13.01 33.08 9.31
C LEU A 265 -12.58 34.41 9.93
N LYS A 266 -12.42 35.43 9.09
CA LYS A 266 -11.90 36.72 9.54
C LYS A 266 -12.58 37.31 10.79
N ASP A 267 -13.92 37.45 10.76
CA ASP A 267 -14.62 38.05 11.89
C ASP A 267 -14.81 37.14 13.12
N LEU A 268 -14.29 35.90 13.02
CA LEU A 268 -14.20 35.03 14.19
C LEU A 268 -12.82 35.17 14.85
N LEU A 269 -11.79 35.33 14.03
CA LEU A 269 -10.41 35.35 14.51
C LEU A 269 -9.90 36.76 14.73
N VAL A 272 -9.06 37.42 18.46
CA VAL A 272 -8.32 36.30 19.03
C VAL A 272 -6.81 36.64 19.20
N LYS A 273 -6.33 36.59 20.43
CA LYS A 273 -4.91 36.85 20.74
C LYS A 273 -3.97 35.68 20.39
N ALA A 274 -4.50 34.46 20.47
CA ALA A 274 -3.72 33.25 20.18
C ALA A 274 -3.20 33.21 18.73
N LYS A 275 -1.99 32.65 18.58
CA LYS A 275 -1.40 32.37 17.28
C LYS A 275 -2.17 31.24 16.55
N ILE A 276 -2.49 31.47 15.29
CA ILE A 276 -3.21 30.50 14.49
C ILE A 276 -2.21 29.59 13.79
N ILE A 277 -2.47 28.29 13.83
CA ILE A 277 -1.68 27.33 13.07
C ILE A 277 -2.60 26.66 12.05
N LEU A 278 -2.13 26.57 10.80
CA LEU A 278 -2.81 25.78 9.78
C LEU A 278 -1.90 24.64 9.32
N GLU A 279 -2.51 23.54 8.86
CA GLU A 279 -1.75 22.32 8.53
C GLU A 279 -2.02 21.79 7.11
N PRO A 280 -1.78 22.62 6.06
CA PRO A 280 -2.11 22.12 4.74
C PRO A 280 -1.16 21.00 4.27
N GLY A 281 -1.72 19.98 3.63
CA GLY A 281 -0.94 18.94 2.97
C GLY A 281 -1.30 18.85 1.48
N ARG A 282 -2.47 18.31 1.20
CA ARG A 282 -2.98 18.14 -0.18
C ARG A 282 -2.99 19.46 -0.95
N SER A 283 -3.39 20.56 -0.29
CA SER A 283 -3.51 21.85 -1.00
C SER A 283 -2.18 22.48 -1.40
N ILE A 284 -1.08 21.93 -0.91
CA ILE A 284 0.24 22.33 -1.36
C ILE A 284 0.77 21.35 -2.42
N MET A 285 0.67 20.05 -2.13
CA MET A 285 1.41 19.02 -2.87
C MET A 285 0.60 18.37 -4.00
N GLY A 286 -0.73 18.34 -3.86
CA GLY A 286 -1.58 17.49 -4.69
C GLY A 286 -1.43 17.73 -6.18
N ASN A 287 -1.70 18.97 -6.62
CA ASN A 287 -1.57 19.31 -8.03
C ASN A 287 -0.15 19.69 -8.44
N ALA A 288 0.76 19.64 -7.48
CA ALA A 288 2.19 19.91 -7.71
C ALA A 288 2.87 18.78 -8.48
N GLY A 289 2.34 17.58 -8.36
CA GLY A 289 2.98 16.38 -8.90
C GLY A 289 2.11 15.69 -9.91
N ILE A 290 2.77 15.14 -10.93
CA ILE A 290 2.08 14.33 -11.94
C ILE A 290 2.81 13.01 -12.10
N LEU A 291 2.10 11.98 -12.51
CA LEU A 291 2.70 10.67 -12.68
C LEU A 291 2.71 10.33 -14.17
N ILE A 292 3.90 10.12 -14.70
CA ILE A 292 4.04 9.76 -16.12
C ILE A 292 4.16 8.24 -16.24
N THR A 293 3.38 7.66 -17.15
CA THR A 293 3.34 6.21 -17.34
C THR A 293 3.32 5.90 -18.83
N GLN A 294 3.96 4.81 -19.21
CA GLN A 294 4.03 4.42 -20.62
C GLN A 294 3.02 3.32 -20.95
N VAL A 295 2.31 3.49 -22.07
CA VAL A 295 1.38 2.49 -22.58
C VAL A 295 2.15 1.25 -23.03
N GLN A 296 1.75 0.09 -22.50
CA GLN A 296 2.37 -1.18 -22.82
C GLN A 296 1.56 -1.99 -23.85
N PHE A 297 0.28 -2.17 -23.57
CA PHE A 297 -0.60 -2.97 -24.44
C PHE A 297 -1.99 -2.38 -24.51
N LEU A 298 -2.65 -2.60 -25.66
CA LEU A 298 -4.07 -2.37 -25.78
C LEU A 298 -4.76 -3.73 -25.96
N LYS A 299 -5.90 -3.92 -25.28
CA LYS A 299 -6.70 -5.13 -25.49
C LYS A 299 -8.18 -4.86 -25.35
N ASP A 300 -8.97 -5.60 -26.13
CA ASP A 300 -10.42 -5.59 -26.03
C ASP A 300 -10.93 -6.89 -25.38
N LYS A 301 -11.94 -6.76 -24.53
CA LYS A 301 -12.71 -7.92 -24.09
C LYS A 301 -14.17 -7.62 -24.35
N GLY A 302 -14.73 -8.32 -25.34
CA GLY A 302 -16.05 -7.95 -25.87
C GLY A 302 -15.95 -6.58 -26.52
N SER A 303 -16.80 -5.65 -26.06
CA SER A 303 -16.83 -4.26 -26.53
C SER A 303 -16.03 -3.32 -25.62
N LYS A 304 -15.55 -3.84 -24.49
CA LYS A 304 -14.75 -3.06 -23.54
C LYS A 304 -13.28 -2.95 -24.00
N HIS A 305 -12.71 -1.75 -23.83
CA HIS A 305 -11.32 -1.48 -24.20
C HIS A 305 -10.46 -1.27 -22.96
N PHE A 306 -9.27 -1.86 -22.98
CA PHE A 306 -8.30 -1.70 -21.90
C PHE A 306 -7.03 -1.08 -22.45
N ILE A 307 -6.51 -0.10 -21.72
CA ILE A 307 -5.20 0.46 -22.00
C ILE A 307 -4.28 0.10 -20.82
N ILE A 308 -3.32 -0.77 -21.09
CA ILE A 308 -2.44 -1.30 -20.07
C ILE A 308 -1.15 -0.49 -20.03
N VAL A 309 -0.84 0.07 -18.86
CA VAL A 309 0.31 0.98 -18.69
C VAL A 309 1.30 0.40 -17.68
N ASP A 310 2.45 1.05 -17.50
CA ASP A 310 3.49 0.53 -16.61
C ASP A 310 3.41 0.99 -15.13
N ALA A 311 2.44 1.84 -14.83
CA ALA A 311 2.18 2.26 -13.43
C ALA A 311 0.88 1.63 -12.91
N GLY A 312 0.89 1.25 -11.63
CA GLY A 312 -0.28 0.62 -11.04
C GLY A 312 -0.61 1.14 -9.66
N MET A 313 -1.49 0.42 -8.97
CA MET A 313 -1.90 0.77 -7.62
C MET A 313 -0.71 0.79 -6.66
N ASN A 314 0.37 0.12 -7.07
CA ASN A 314 1.64 0.14 -6.32
C ASN A 314 2.29 1.52 -6.35
N ASP A 315 2.05 2.27 -7.43
CA ASP A 315 2.58 3.63 -7.61
C ASP A 315 1.62 4.68 -7.11
N LEU A 316 0.33 4.52 -7.46
CA LEU A 316 -0.73 5.45 -7.08
C LEU A 316 -1.97 4.62 -6.75
N ILE A 317 -2.31 4.60 -5.47
CA ILE A 317 -3.31 3.65 -4.97
C ILE A 317 -4.75 4.23 -4.92
N ARG A 318 -4.85 5.56 -4.97
CA ARG A 318 -6.12 6.30 -4.78
C ARG A 318 -7.32 5.81 -5.60
N PRO A 319 -7.17 5.70 -6.95
CA PRO A 319 -8.26 5.17 -7.78
C PRO A 319 -8.71 3.79 -7.30
N SER A 320 -7.76 2.91 -6.96
CA SER A 320 -8.09 1.54 -6.60
C SER A 320 -8.90 1.41 -5.30
N ILE A 321 -8.46 2.12 -4.26
CA ILE A 321 -9.00 1.90 -2.91
C ILE A 321 -10.06 2.93 -2.48
N TYR A 322 -10.07 4.08 -3.15
CA TYR A 322 -11.07 5.13 -2.87
C TYR A 322 -12.06 5.38 -4.03
N ASN A 323 -11.86 4.66 -5.13
CA ASN A 323 -12.51 4.98 -6.40
C ASN A 323 -12.30 6.46 -6.77
N ALA A 324 -11.09 6.96 -6.50
CA ALA A 324 -10.77 8.39 -6.71
C ALA A 324 -10.59 8.73 -8.19
N TYR A 325 -10.94 9.98 -8.55
CA TYR A 325 -10.72 10.50 -9.89
C TYR A 325 -9.38 11.23 -9.99
N HIS A 326 -8.56 10.79 -10.93
CA HIS A 326 -7.38 11.52 -11.38
C HIS A 326 -7.51 11.77 -12.87
N HIS A 327 -7.32 13.01 -13.28
CA HIS A 327 -7.46 13.37 -14.70
C HIS A 327 -6.25 12.81 -15.47
N ILE A 328 -6.51 12.14 -16.59
CA ILE A 328 -5.42 11.55 -17.36
C ILE A 328 -5.38 12.14 -18.78
N ILE A 329 -4.21 12.63 -19.17
CA ILE A 329 -4.01 13.28 -20.47
C ILE A 329 -2.82 12.68 -21.23
N PRO A 330 -2.83 12.75 -22.58
CA PRO A 330 -1.67 12.31 -23.35
C PRO A 330 -0.53 13.32 -23.26
N VAL A 331 0.69 12.82 -23.17
CA VAL A 331 1.88 13.66 -23.21
C VAL A 331 2.06 14.32 -24.61
N GLU A 332 1.65 13.58 -25.65
CA GLU A 332 1.65 14.09 -27.02
C GLU A 332 0.23 14.07 -27.57
N THR A 333 -0.29 15.22 -27.99
CA THR A 333 -1.62 15.28 -28.60
C THR A 333 -1.56 14.93 -30.08
N LYS A 334 -2.59 14.22 -30.53
CA LYS A 334 -2.68 13.75 -31.91
C LYS A 334 -4.15 13.76 -32.36
N GLU A 335 -4.40 13.26 -33.58
CA GLU A 335 -5.77 13.21 -34.13
C GLU A 335 -6.74 12.43 -33.24
N VAL A 339 -11.96 7.37 -27.51
CA VAL A 339 -12.24 6.02 -27.02
C VAL A 339 -12.56 6.04 -25.51
N VAL A 340 -13.46 5.15 -25.10
CA VAL A 340 -13.79 4.94 -23.70
C VAL A 340 -13.07 3.66 -23.23
N ALA A 341 -12.28 3.76 -22.17
CA ALA A 341 -11.43 2.64 -21.75
C ALA A 341 -11.19 2.55 -20.24
N ASP A 342 -10.89 1.35 -19.76
CA ASP A 342 -10.29 1.17 -18.45
C ASP A 342 -8.78 1.39 -18.65
N ILE A 343 -8.20 2.33 -17.92
CA ILE A 343 -6.75 2.47 -17.91
C ILE A 343 -6.25 1.69 -16.69
N VAL A 344 -5.47 0.64 -16.95
CA VAL A 344 -5.11 -0.31 -15.89
C VAL A 344 -3.61 -0.51 -15.80
N GLY A 345 -3.13 -0.95 -14.65
CA GLY A 345 -1.69 -1.11 -14.41
C GLY A 345 -1.18 -2.52 -14.60
N PRO A 346 0.09 -2.74 -14.18
CA PRO A 346 0.76 -4.04 -14.28
C PRO A 346 0.42 -5.03 -13.15
N ILE A 347 -0.12 -4.54 -12.04
CA ILE A 347 -0.35 -5.38 -10.84
C ILE A 347 -1.38 -6.49 -11.12
N CYS A 348 -1.09 -7.68 -10.60
CA CYS A 348 -1.97 -8.84 -10.72
C CYS A 348 -3.14 -8.74 -9.75
N GLU A 349 -3.96 -7.70 -9.91
CA GLU A 349 -5.21 -7.53 -9.17
C GLU A 349 -6.24 -6.98 -10.15
N THR A 350 -7.46 -7.51 -10.09
CA THR A 350 -8.57 -6.96 -10.85
C THR A 350 -8.82 -5.49 -10.48
N GLY A 351 -8.64 -5.17 -9.19
CA GLY A 351 -8.72 -3.80 -8.68
C GLY A 351 -7.54 -2.87 -9.02
N ASP A 352 -6.55 -3.36 -9.76
CA ASP A 352 -5.42 -2.51 -10.16
C ASP A 352 -5.75 -1.68 -11.42
N PHE A 353 -6.30 -0.50 -11.22
CA PHE A 353 -6.65 0.41 -12.31
C PHE A 353 -6.28 1.82 -11.92
N LEU A 354 -6.22 2.70 -12.90
CA LEU A 354 -6.01 4.12 -12.65
C LEU A 354 -7.24 4.92 -13.00
N ALA A 355 -8.04 4.38 -13.93
CA ALA A 355 -9.28 4.99 -14.37
C ALA A 355 -10.17 3.90 -14.93
N LEU A 356 -11.48 4.06 -14.80
CA LEU A 356 -12.46 3.09 -15.30
C LEU A 356 -13.45 3.83 -16.18
N ASP A 357 -13.77 3.25 -17.34
CA ASP A 357 -14.74 3.81 -18.28
C ASP A 357 -14.46 5.29 -18.52
N ARG A 358 -13.22 5.56 -18.92
CA ARG A 358 -12.71 6.93 -19.08
C ARG A 358 -12.50 7.30 -20.55
N GLU A 359 -13.00 8.46 -20.93
CA GLU A 359 -12.90 8.94 -22.32
C GLU A 359 -11.56 9.64 -22.55
N ILE A 360 -10.80 9.15 -23.53
CA ILE A 360 -9.46 9.66 -23.81
C ILE A 360 -9.18 9.53 -25.32
N GLU A 361 -8.29 10.38 -25.83
CA GLU A 361 -7.81 10.21 -27.20
C GLU A 361 -7.08 8.87 -27.33
N GLU A 362 -7.30 8.19 -28.45
CA GLU A 362 -6.67 6.90 -28.74
C GLU A 362 -5.16 7.00 -28.62
N VAL A 363 -4.59 6.04 -27.90
CA VAL A 363 -3.15 5.97 -27.66
C VAL A 363 -2.57 4.67 -28.21
N GLN A 364 -1.26 4.64 -28.43
CA GLN A 364 -0.58 3.41 -28.91
C GLN A 364 0.52 2.98 -27.97
N ARG A 365 0.94 1.71 -28.07
CA ARG A 365 2.12 1.19 -27.36
C ARG A 365 3.30 2.16 -27.48
N GLY A 366 3.98 2.41 -26.36
CA GLY A 366 5.15 3.29 -26.34
C GLY A 366 4.86 4.73 -25.95
N GLU A 367 3.60 5.16 -26.16
CA GLU A 367 3.20 6.54 -25.89
C GLU A 367 3.02 6.79 -24.39
N TYR A 368 3.18 8.04 -23.96
CA TYR A 368 3.10 8.41 -22.53
C TYR A 368 1.80 9.11 -22.15
N LEU A 369 1.30 8.79 -20.96
CA LEU A 369 0.19 9.50 -20.35
C LEU A 369 0.66 10.19 -19.06
N ALA A 370 0.06 11.35 -18.78
CA ALA A 370 0.27 12.06 -17.55
C ALA A 370 -0.96 11.89 -16.65
N VAL A 371 -0.74 11.37 -15.44
CA VAL A 371 -1.80 11.31 -14.44
C VAL A 371 -1.67 12.52 -13.52
N LEU A 372 -2.69 13.38 -13.51
CA LEU A 372 -2.62 14.65 -12.80
C LEU A 372 -2.94 14.47 -11.31
N SER A 373 -2.61 15.48 -10.52
CA SER A 373 -3.06 15.57 -9.11
C SER A 373 -2.51 14.40 -8.29
N ALA A 374 -1.27 14.01 -8.60
CA ALA A 374 -0.63 12.83 -7.99
C ALA A 374 0.46 13.16 -6.95
N GLY A 375 0.56 14.43 -6.55
CA GLY A 375 1.64 14.87 -5.65
C GLY A 375 1.43 14.68 -4.15
N ALA A 376 0.18 14.41 -3.77
CA ALA A 376 -0.21 14.20 -2.36
C ALA A 376 -0.88 12.84 -2.25
N TYR A 377 -0.47 12.05 -1.25
CA TYR A 377 -1.02 10.69 -1.05
C TYR A 377 -0.86 9.87 -2.31
N GLY A 378 0.29 10.08 -2.98
CA GLY A 378 0.61 9.38 -4.22
C GLY A 378 1.77 8.44 -3.94
N PHE A 379 2.99 8.96 -4.11
CA PHE A 379 4.17 8.17 -3.73
C PHE A 379 4.10 7.76 -2.27
N ALA A 380 3.52 8.62 -1.42
CA ALA A 380 3.45 8.34 0.01
C ALA A 380 2.82 6.98 0.35
N MET A 381 1.89 6.52 -0.46
CA MET A 381 1.19 5.25 -0.22
C MET A 381 1.67 4.14 -1.18
N SER A 382 2.79 4.40 -1.84
CA SER A 382 3.41 3.48 -2.80
C SER A 382 4.06 2.28 -2.07
N SER A 383 3.82 1.08 -2.60
CA SER A 383 4.34 -0.16 -2.01
C SER A 383 5.23 -0.91 -3.01
N HIS A 384 5.66 -2.11 -2.60
CA HIS A 384 6.49 -3.00 -3.44
C HIS A 384 5.72 -4.24 -3.85
N TYR A 385 4.41 -4.16 -3.83
CA TYR A 385 3.58 -5.30 -4.25
C TYR A 385 4.00 -5.80 -5.65
N ASN A 386 4.00 -7.12 -5.85
CA ASN A 386 4.52 -7.79 -7.06
C ASN A 386 6.02 -7.55 -7.34
N MET A 387 6.78 -7.24 -6.26
CA MET A 387 8.22 -6.99 -6.38
C MET A 387 8.53 -5.86 -7.41
N ARG A 388 7.71 -4.81 -7.40
CA ARG A 388 7.84 -3.68 -8.31
C ARG A 388 8.57 -2.52 -7.61
N PRO A 389 9.78 -2.18 -8.08
CA PRO A 389 10.48 -1.03 -7.53
C PRO A 389 9.70 0.25 -7.78
N ARG A 390 9.76 1.16 -6.81
CA ARG A 390 9.01 2.40 -6.97
C ARG A 390 9.68 3.36 -7.95
N ALA A 391 8.91 4.38 -8.32
CA ALA A 391 9.25 5.30 -9.40
C ALA A 391 10.33 6.26 -8.95
N ALA A 392 11.12 6.74 -9.91
CA ALA A 392 11.99 7.87 -9.69
C ALA A 392 11.10 9.10 -9.46
N GLU A 393 11.64 10.11 -8.77
CA GLU A 393 10.98 11.39 -8.56
C GLU A 393 11.90 12.53 -9.04
N VAL A 394 11.35 13.44 -9.83
CA VAL A 394 12.10 14.56 -10.39
C VAL A 394 11.39 15.88 -10.05
N LEU A 395 12.19 16.86 -9.68
CA LEU A 395 11.73 18.21 -9.41
C LEU A 395 12.18 19.16 -10.54
N VAL A 396 11.22 19.89 -11.07
CA VAL A 396 11.49 20.81 -12.18
C VAL A 396 11.28 22.25 -11.69
N GLU A 397 12.18 23.14 -12.10
CA GLU A 397 12.12 24.54 -11.72
C GLU A 397 12.66 25.41 -12.86
N ASN A 398 11.74 26.09 -13.54
CA ASN A 398 12.05 27.01 -14.64
C ASN A 398 13.16 26.48 -15.55
N GLY A 399 12.86 25.36 -16.21
CA GLY A 399 13.80 24.76 -17.16
C GLY A 399 14.89 23.88 -16.58
N SER A 400 15.09 23.91 -15.26
CA SER A 400 16.10 23.06 -14.64
C SER A 400 15.48 21.78 -14.04
N VAL A 401 16.32 20.78 -13.79
CA VAL A 401 15.89 19.44 -13.38
C VAL A 401 16.74 18.96 -12.20
N LYS A 402 16.08 18.34 -11.22
CA LYS A 402 16.77 17.74 -10.11
C LYS A 402 16.13 16.38 -9.80
N LEU A 403 16.92 15.32 -9.86
CA LEU A 403 16.48 13.99 -9.43
C LEU A 403 16.41 13.99 -7.91
N ILE A 404 15.20 13.93 -7.37
CA ILE A 404 15.02 13.98 -5.91
C ILE A 404 14.71 12.62 -5.25
N ARG A 405 14.48 11.61 -6.09
CA ARG A 405 14.52 10.23 -5.64
C ARG A 405 14.88 9.34 -6.82
N LYS A 406 15.94 8.56 -6.65
CA LYS A 406 16.32 7.59 -7.67
C LYS A 406 15.29 6.48 -7.74
N ARG A 407 15.11 5.93 -8.94
CA ARG A 407 14.32 4.73 -9.13
C ARG A 407 14.95 3.62 -8.31
N GLU A 408 14.12 2.85 -7.60
CA GLU A 408 14.63 1.72 -6.83
C GLU A 408 15.01 0.55 -7.76
N ASN A 409 15.77 -0.40 -7.22
CA ASN A 409 15.98 -1.65 -7.96
C ASN A 409 15.49 -2.80 -7.11
N TYR A 410 15.50 -4.01 -7.68
CA TYR A 410 15.04 -5.18 -6.93
C TYR A 410 15.80 -5.40 -5.63
N ASP A 411 17.12 -5.19 -5.68
CA ASP A 411 17.97 -5.33 -4.50
C ASP A 411 17.49 -4.48 -3.32
N TYR A 412 17.07 -3.26 -3.58
CA TYR A 412 16.58 -2.36 -2.50
C TYR A 412 15.38 -2.95 -1.74
N ILE A 413 14.46 -3.54 -2.49
CA ILE A 413 13.21 -4.08 -1.93
C ILE A 413 13.52 -5.15 -0.88
N VAL A 414 14.48 -6.03 -1.19
CA VAL A 414 14.80 -7.17 -0.33
C VAL A 414 16.13 -6.99 0.44
N GLU A 415 16.71 -5.80 0.39
CA GLU A 415 17.97 -5.54 1.11
C GLU A 415 17.96 -5.97 2.61
N PRO A 416 16.91 -5.62 3.38
CA PRO A 416 16.88 -6.02 4.80
C PRO A 416 16.84 -7.54 5.01
N SER A 417 16.68 -8.31 3.94
CA SER A 417 16.73 -9.78 4.04
C SER A 417 18.11 -10.36 3.61
N LEU A 418 18.98 -9.50 3.08
CA LEU A 418 20.28 -9.94 2.58
C LEU A 418 21.34 -9.98 3.66
N ASP A 419 22.05 -11.10 3.75
CA ASP A 419 23.19 -11.27 4.70
C ASP A 419 22.87 -10.69 6.07
N ILE A 420 21.82 -11.20 6.70
CA ILE A 420 21.32 -10.59 7.93
C ILE A 420 21.66 -11.41 9.18
N GLU B 2 -10.49 -27.74 17.66
CA GLU B 2 -10.04 -26.58 18.50
C GLU B 2 -9.66 -25.40 17.57
N LEU B 3 -10.30 -24.25 17.80
CA LEU B 3 -10.29 -23.13 16.82
C LEU B 3 -8.88 -22.73 16.34
N LEU B 4 -7.98 -22.42 17.28
CA LEU B 4 -6.63 -21.96 16.92
C LEU B 4 -5.85 -22.93 16.05
N LYS B 5 -5.96 -24.22 16.36
CA LYS B 5 -5.31 -25.25 15.53
C LYS B 5 -5.93 -25.43 14.15
N GLU B 6 -7.20 -25.05 14.01
CA GLU B 6 -7.86 -25.02 12.70
C GLU B 6 -7.21 -23.99 11.79
N TYR B 7 -6.74 -22.89 12.39
CA TYR B 7 -5.97 -21.89 11.64
C TYR B 7 -4.58 -22.41 11.30
N ASN B 8 -3.88 -22.88 12.34
CA ASN B 8 -2.50 -23.35 12.19
C ASN B 8 -2.24 -24.34 13.33
N PRO B 9 -1.98 -25.61 12.99
CA PRO B 9 -1.87 -26.60 14.08
C PRO B 9 -0.58 -26.47 14.89
N TYR B 10 0.31 -25.55 14.48
CA TYR B 10 1.52 -25.24 15.26
C TYR B 10 1.30 -24.12 16.27
N LEU B 11 0.09 -23.57 16.30
CA LEU B 11 -0.30 -22.57 17.28
C LEU B 11 -0.94 -23.24 18.49
N GLU B 12 -0.55 -22.79 19.68
CA GLU B 12 -1.18 -23.25 20.91
C GLU B 12 -0.92 -22.31 22.06
N TYR B 13 -1.86 -22.28 22.99
CA TYR B 13 -1.61 -21.68 24.29
C TYR B 13 -0.96 -22.68 25.23
N ARG B 14 0.07 -22.22 25.96
CA ARG B 14 0.74 -23.01 27.01
C ARG B 14 0.72 -22.17 28.28
N ASP B 15 -0.14 -22.55 29.24
CA ASP B 15 -0.29 -21.81 30.52
C ASP B 15 -0.62 -20.33 30.29
N GLY B 16 -1.56 -20.07 29.38
CA GLY B 16 -2.04 -18.71 29.11
C GLY B 16 -1.19 -17.92 28.11
N GLU B 17 -0.12 -18.53 27.60
CA GLU B 17 0.82 -17.85 26.68
C GLU B 17 0.79 -18.48 25.29
N LEU B 18 0.69 -17.63 24.26
CA LEU B 18 0.62 -18.10 22.88
C LEU B 18 2.01 -18.51 22.37
N PHE B 19 2.08 -19.69 21.77
CA PHE B 19 3.29 -20.24 21.18
C PHE B 19 3.04 -20.59 19.70
N ILE B 20 4.10 -20.51 18.89
CA ILE B 20 4.08 -21.04 17.51
C ILE B 20 5.32 -21.89 17.31
N GLU B 21 5.14 -23.13 16.87
CA GLU B 21 6.24 -24.09 16.78
C GLU B 21 7.16 -24.13 18.03
N GLY B 22 6.55 -24.10 19.21
CA GLY B 22 7.28 -24.15 20.48
C GLY B 22 8.05 -22.89 20.84
N VAL B 23 7.74 -21.77 20.16
CA VAL B 23 8.37 -20.50 20.48
C VAL B 23 7.31 -19.49 20.94
N SER B 24 7.56 -18.87 22.09
CA SER B 24 6.61 -17.93 22.70
C SER B 24 6.55 -16.68 21.84
N LEU B 25 5.34 -16.25 21.48
CA LEU B 25 5.14 -15.00 20.76
C LEU B 25 5.51 -13.79 21.60
N LYS B 26 5.27 -13.87 22.91
CA LYS B 26 5.68 -12.77 23.78
C LYS B 26 7.21 -12.58 23.79
N GLU B 27 7.96 -13.68 23.88
CA GLU B 27 9.42 -13.57 23.80
C GLU B 27 9.88 -13.00 22.45
N LEU B 28 9.29 -13.48 21.36
CA LEU B 28 9.64 -12.95 20.04
C LEU B 28 9.37 -11.45 19.95
N ALA B 29 8.22 -11.02 20.46
CA ALA B 29 7.84 -9.60 20.50
C ALA B 29 8.81 -8.74 21.34
N GLN B 30 9.17 -9.24 22.52
CA GLN B 30 10.13 -8.56 23.39
C GLN B 30 11.54 -8.57 22.80
N THR B 31 11.90 -9.64 22.12
CA THR B 31 13.23 -9.78 21.50
C THR B 31 13.39 -8.96 20.22
N PHE B 32 12.42 -9.09 19.31
CA PHE B 32 12.57 -8.51 17.96
C PHE B 32 11.78 -7.22 17.73
N GLY B 33 10.94 -6.86 18.70
CA GLY B 33 10.10 -5.66 18.61
C GLY B 33 8.80 -5.91 17.87
N THR B 34 7.89 -4.94 17.92
CA THR B 34 6.63 -4.98 17.14
C THR B 34 6.52 -3.70 16.31
N PRO B 35 5.75 -3.74 15.20
CA PRO B 35 5.07 -4.90 14.60
C PRO B 35 6.06 -5.99 14.17
N LEU B 36 5.61 -7.24 14.24
CA LEU B 36 6.44 -8.39 13.89
C LEU B 36 5.64 -9.42 13.09
N TYR B 37 6.14 -9.75 11.90
CA TYR B 37 5.59 -10.88 11.15
C TYR B 37 6.33 -12.16 11.53
N VAL B 38 5.57 -13.16 11.94
CA VAL B 38 6.14 -14.43 12.38
C VAL B 38 5.59 -15.56 11.50
N TYR B 39 6.49 -16.37 10.93
CA TYR B 39 6.12 -17.45 10.05
C TYR B 39 6.49 -18.82 10.62
N SER B 40 5.64 -19.81 10.34
CA SER B 40 5.90 -21.21 10.69
C SER B 40 6.51 -21.94 9.49
N SER B 41 7.76 -22.37 9.66
CA SER B 41 8.45 -23.11 8.63
C SER B 41 7.73 -24.42 8.28
N ASN B 42 7.33 -25.17 9.31
CA ASN B 42 6.72 -26.48 9.07
C ASN B 42 5.33 -26.38 8.50
N PHE B 43 4.60 -25.31 8.82
CA PHE B 43 3.31 -25.07 8.16
C PHE B 43 3.48 -24.90 6.65
N ILE B 44 4.42 -24.05 6.25
CA ILE B 44 4.69 -23.79 4.83
C ILE B 44 5.03 -25.10 4.10
N LYS B 45 5.99 -25.85 4.65
CA LYS B 45 6.44 -27.12 4.07
C LYS B 45 5.29 -28.11 3.92
N GLU B 46 4.46 -28.22 4.95
CA GLU B 46 3.34 -29.18 4.97
C GLU B 46 2.20 -28.80 4.02
N ARG B 47 1.92 -27.51 3.88
CA ARG B 47 0.96 -27.07 2.84
C ARG B 47 1.44 -27.39 1.44
N PHE B 48 2.73 -27.15 1.18
CA PHE B 48 3.31 -27.48 -0.11
C PHE B 48 3.24 -28.99 -0.37
N GLU B 49 3.61 -29.76 0.65
CA GLU B 49 3.63 -31.22 0.53
C GLU B 49 2.23 -31.79 0.35
N ALA B 50 1.23 -31.13 0.91
CA ALA B 50 -0.17 -31.51 0.67
C ALA B 50 -0.54 -31.44 -0.81
N TYR B 51 -0.06 -30.41 -1.50
CA TYR B 51 -0.23 -30.29 -2.96
C TYR B 51 0.52 -31.40 -3.70
N ARG B 52 1.77 -31.64 -3.30
CA ARG B 52 2.59 -32.69 -3.92
C ARG B 52 1.95 -34.08 -3.80
N LYS B 53 1.45 -34.39 -2.60
CA LYS B 53 0.79 -35.65 -2.33
C LYS B 53 -0.52 -35.77 -3.11
N ALA B 54 -1.32 -34.70 -3.10
CA ALA B 54 -2.59 -34.66 -3.86
C ALA B 54 -2.42 -34.73 -5.38
N PHE B 55 -1.37 -34.09 -5.91
CA PHE B 55 -1.07 -34.03 -7.35
C PHE B 55 0.40 -34.45 -7.59
N PRO B 56 0.71 -35.75 -7.42
CA PRO B 56 2.10 -36.22 -7.49
C PRO B 56 2.81 -36.06 -8.83
N ASP B 57 2.07 -35.87 -9.92
CA ASP B 57 2.68 -35.74 -11.23
C ASP B 57 2.66 -34.29 -11.72
N ALA B 58 2.12 -33.39 -10.90
CA ALA B 58 1.99 -31.97 -11.27
C ALA B 58 3.19 -31.11 -10.88
N LEU B 59 3.41 -30.04 -11.64
CA LEU B 59 4.34 -28.99 -11.23
C LEU B 59 3.58 -28.02 -10.33
N ILE B 60 4.06 -27.86 -9.10
CA ILE B 60 3.45 -26.94 -8.15
C ILE B 60 4.23 -25.63 -8.15
N CYS B 61 3.67 -24.60 -8.79
CA CYS B 61 4.33 -23.29 -8.90
C CYS B 61 3.85 -22.36 -7.81
N TYR B 62 4.72 -22.00 -6.87
CA TYR B 62 4.35 -21.04 -5.82
C TYR B 62 4.05 -19.66 -6.43
N ALA B 63 2.88 -19.09 -6.11
CA ALA B 63 2.51 -17.75 -6.58
C ALA B 63 3.23 -16.71 -5.74
N VAL B 64 4.35 -16.23 -6.27
CA VAL B 64 5.25 -15.32 -5.57
C VAL B 64 4.57 -14.01 -5.11
N LYS B 65 3.51 -13.59 -5.80
CA LYS B 65 2.75 -12.41 -5.41
C LYS B 65 2.26 -12.43 -3.94
N ALA B 66 2.01 -13.62 -3.39
CA ALA B 66 1.48 -13.74 -2.03
C ALA B 66 2.48 -13.27 -0.96
N ASN B 67 3.78 -13.48 -1.22
CA ASN B 67 4.84 -13.22 -0.25
C ASN B 67 6.20 -13.38 -0.94
N PHE B 68 6.97 -12.29 -0.99
CA PHE B 68 8.23 -12.26 -1.70
C PHE B 68 9.48 -12.45 -0.85
N ASN B 69 9.33 -12.81 0.43
CA ASN B 69 10.53 -12.95 1.26
C ASN B 69 11.44 -14.02 0.65
N PRO B 70 12.70 -13.66 0.33
CA PRO B 70 13.51 -14.62 -0.42
C PRO B 70 13.83 -15.90 0.35
N HIS B 71 13.92 -15.82 1.68
CA HIS B 71 14.13 -17.02 2.49
C HIS B 71 12.92 -17.95 2.45
N LEU B 72 11.71 -17.39 2.42
CA LEU B 72 10.52 -18.21 2.32
C LEU B 72 10.41 -18.84 0.93
N VAL B 73 10.76 -18.09 -0.10
CA VAL B 73 10.75 -18.60 -1.46
C VAL B 73 11.80 -19.70 -1.62
N LYS B 74 12.99 -19.50 -1.03
CA LYS B 74 14.05 -20.53 -1.05
C LYS B 74 13.59 -21.82 -0.39
N LEU B 75 12.91 -21.69 0.74
CA LEU B 75 12.33 -22.82 1.46
C LEU B 75 11.46 -23.73 0.56
N LEU B 76 10.58 -23.11 -0.22
CA LEU B 76 9.72 -23.82 -1.18
C LEU B 76 10.52 -24.36 -2.35
N GLY B 77 11.42 -23.54 -2.89
CA GLY B 77 12.32 -23.97 -3.98
C GLY B 77 13.10 -25.24 -3.64
N GLU B 78 13.51 -25.37 -2.38
CA GLU B 78 14.27 -26.55 -1.93
C GLU B 78 13.39 -27.81 -1.86
N LEU B 79 12.08 -27.60 -1.77
CA LEU B 79 11.12 -28.70 -1.81
C LEU B 79 10.70 -29.12 -3.22
N GLY B 80 11.19 -28.38 -4.23
CA GLY B 80 10.89 -28.66 -5.63
C GLY B 80 9.78 -27.77 -6.17
N ALA B 81 9.46 -26.69 -5.46
CA ALA B 81 8.44 -25.75 -5.94
C ALA B 81 8.92 -25.05 -7.18
N GLY B 82 7.98 -24.80 -8.09
CA GLY B 82 8.20 -23.83 -9.15
C GLY B 82 7.80 -22.45 -8.67
N ALA B 83 7.81 -21.50 -9.59
CA ALA B 83 7.38 -20.14 -9.30
C ALA B 83 6.45 -19.62 -10.39
N ASP B 84 5.29 -19.15 -9.96
CA ASP B 84 4.36 -18.41 -10.80
C ASP B 84 4.66 -16.94 -10.53
N ILE B 85 5.19 -16.27 -11.55
CA ILE B 85 5.62 -14.88 -11.41
C ILE B 85 4.79 -13.94 -12.25
N VAL B 86 4.75 -12.65 -11.85
CA VAL B 86 4.01 -11.62 -12.59
C VAL B 86 4.86 -10.36 -12.86
N SER B 87 6.17 -10.44 -12.66
CA SER B 87 7.03 -9.27 -12.87
C SER B 87 8.49 -9.72 -12.96
N GLY B 88 9.32 -8.81 -13.47
CA GLY B 88 10.77 -9.00 -13.51
C GLY B 88 11.35 -9.13 -12.11
N GLY B 89 10.79 -8.40 -11.14
CA GLY B 89 11.23 -8.53 -9.75
C GLY B 89 11.02 -9.93 -9.17
N GLU B 90 9.90 -10.55 -9.50
CA GLU B 90 9.61 -11.94 -9.04
C GLU B 90 10.47 -12.97 -9.77
N LEU B 91 10.78 -12.67 -11.03
CA LEU B 91 11.78 -13.48 -11.77
C LEU B 91 13.13 -13.47 -11.05
N TYR B 92 13.60 -12.26 -10.74
CA TYR B 92 14.84 -12.04 -9.98
C TYR B 92 14.81 -12.83 -8.69
N LEU B 93 13.70 -12.69 -7.96
CA LEU B 93 13.52 -13.34 -6.69
C LEU B 93 13.50 -14.86 -6.80
N ALA B 94 12.75 -15.38 -7.76
CA ALA B 94 12.68 -16.84 -7.96
C ALA B 94 14.08 -17.39 -8.24
N LYS B 95 14.81 -16.70 -9.14
CA LYS B 95 16.17 -17.11 -9.54
C LYS B 95 17.18 -17.07 -8.38
N LYS B 96 17.13 -16.00 -7.58
CA LYS B 96 17.95 -15.86 -6.39
C LYS B 96 17.67 -16.94 -5.36
N ALA B 97 16.41 -17.36 -5.29
CA ALA B 97 16.02 -18.43 -4.38
C ALA B 97 16.32 -19.84 -4.90
N GLY B 98 16.95 -19.94 -6.06
CA GLY B 98 17.37 -21.23 -6.60
C GLY B 98 16.31 -21.95 -7.43
N ILE B 99 15.18 -21.29 -7.71
CA ILE B 99 14.17 -21.90 -8.58
C ILE B 99 14.60 -21.79 -10.05
N PRO B 100 14.80 -22.95 -10.72
CA PRO B 100 15.20 -22.96 -12.13
C PRO B 100 14.09 -22.46 -13.08
N PRO B 101 14.46 -21.69 -14.12
CA PRO B 101 13.51 -21.18 -15.12
C PRO B 101 12.64 -22.26 -15.77
N GLU B 102 13.13 -23.49 -15.81
CA GLU B 102 12.32 -24.63 -16.25
C GLU B 102 11.10 -24.89 -15.37
N ARG B 103 11.05 -24.31 -14.17
CA ARG B 103 9.87 -24.42 -13.30
C ARG B 103 9.20 -23.04 -13.08
N ILE B 104 9.49 -22.08 -13.95
CA ILE B 104 8.93 -20.73 -13.82
C ILE B 104 7.92 -20.43 -14.93
N VAL B 105 6.73 -19.97 -14.52
CA VAL B 105 5.70 -19.51 -15.46
C VAL B 105 5.37 -18.03 -15.19
N TYR B 106 5.08 -17.28 -16.25
CA TYR B 106 4.99 -15.83 -16.13
C TYR B 106 3.60 -15.38 -16.57
N ALA B 107 2.80 -14.91 -15.62
CA ALA B 107 1.44 -14.44 -15.91
C ALA B 107 1.29 -12.92 -15.81
N GLY B 108 0.06 -12.46 -16.01
CA GLY B 108 -0.27 -11.04 -15.79
C GLY B 108 0.01 -10.15 -16.98
N VAL B 109 -0.44 -8.91 -16.85
CA VAL B 109 -0.24 -7.88 -17.86
C VAL B 109 0.96 -7.00 -17.46
N GLY B 110 1.68 -7.42 -16.39
CA GLY B 110 2.84 -6.70 -15.88
C GLY B 110 4.11 -7.12 -16.59
N LYS B 111 4.23 -6.70 -17.85
CA LYS B 111 5.25 -7.24 -18.77
C LYS B 111 5.82 -6.18 -19.71
N THR B 112 6.75 -5.40 -19.17
CA THR B 112 7.48 -4.39 -19.92
C THR B 112 8.51 -5.05 -20.83
N GLU B 113 9.03 -4.28 -21.80
CA GLU B 113 10.01 -4.80 -22.76
C GLU B 113 11.23 -5.47 -22.08
N LYS B 114 11.73 -4.87 -21.01
CA LYS B 114 12.89 -5.39 -20.28
C LYS B 114 12.56 -6.71 -19.54
N GLU B 115 11.41 -6.70 -18.85
CA GLU B 115 10.92 -7.87 -18.16
C GLU B 115 10.73 -9.03 -19.11
N LEU B 116 10.11 -8.77 -20.26
CA LEU B 116 9.91 -9.82 -21.29
C LEU B 116 11.24 -10.31 -21.86
N THR B 117 12.15 -9.38 -22.15
CA THR B 117 13.50 -9.73 -22.64
C THR B 117 14.23 -10.63 -21.65
N ASP B 118 14.19 -10.26 -20.37
CA ASP B 118 14.83 -11.04 -19.31
C ASP B 118 14.25 -12.45 -19.19
N ALA B 119 12.93 -12.56 -19.28
CA ALA B 119 12.27 -13.85 -19.13
C ALA B 119 12.53 -14.76 -20.35
N VAL B 120 12.48 -14.18 -21.54
CA VAL B 120 12.77 -14.95 -22.77
C VAL B 120 14.21 -15.46 -22.69
N ASP B 121 15.13 -14.54 -22.38
CA ASP B 121 16.54 -14.88 -22.18
C ASP B 121 16.77 -15.96 -21.11
N SER B 122 15.98 -15.91 -20.03
CA SER B 122 16.07 -16.88 -18.97
C SER B 122 15.51 -18.25 -19.39
N GLU B 123 14.87 -18.32 -20.57
CA GLU B 123 14.24 -19.56 -21.04
C GLU B 123 13.24 -20.15 -20.02
N ILE B 124 12.31 -19.32 -19.56
CA ILE B 124 11.31 -19.78 -18.56
C ILE B 124 10.41 -20.83 -19.23
N LEU B 125 9.69 -21.61 -18.42
CA LEU B 125 8.88 -22.72 -18.92
C LEU B 125 7.82 -22.23 -19.91
N MET B 126 7.11 -21.17 -19.52
CA MET B 126 5.95 -20.75 -20.26
C MET B 126 5.52 -19.33 -19.90
N PHE B 127 5.22 -18.53 -20.91
CA PHE B 127 4.48 -17.27 -20.77
C PHE B 127 2.97 -17.53 -20.86
N ASN B 128 2.24 -17.12 -19.82
CA ASN B 128 0.79 -17.12 -19.87
C ASN B 128 0.30 -15.78 -20.39
N VAL B 129 -0.08 -15.80 -21.66
CA VAL B 129 -0.28 -14.61 -22.44
C VAL B 129 -1.67 -14.02 -22.23
N GLU B 130 -1.69 -12.71 -22.06
CA GLU B 130 -2.85 -11.92 -21.67
C GLU B 130 -3.44 -11.08 -22.81
N SER B 131 -2.72 -10.95 -23.94
CA SER B 131 -3.25 -10.23 -25.10
C SER B 131 -2.60 -10.66 -26.41
N ARG B 132 -3.27 -10.34 -27.51
CA ARG B 132 -2.72 -10.58 -28.83
C ARG B 132 -1.52 -9.68 -29.15
N GLN B 133 -1.56 -8.44 -28.68
CA GLN B 133 -0.42 -7.54 -28.86
C GLN B 133 0.82 -8.09 -28.15
N GLU B 134 0.61 -8.68 -26.96
CA GLU B 134 1.65 -9.38 -26.22
C GLU B 134 2.25 -10.53 -27.03
N LEU B 135 1.42 -11.28 -27.75
CA LEU B 135 1.93 -12.29 -28.70
C LEU B 135 2.95 -11.71 -29.71
N ASP B 136 2.59 -10.59 -30.32
CA ASP B 136 3.41 -9.89 -31.32
C ASP B 136 4.71 -9.38 -30.70
N VAL B 137 4.59 -8.77 -29.52
CA VAL B 137 5.72 -8.25 -28.75
C VAL B 137 6.69 -9.36 -28.34
N LEU B 138 6.16 -10.43 -27.72
CA LEU B 138 6.97 -11.60 -27.36
C LEU B 138 7.65 -12.21 -28.57
N ASN B 139 6.93 -12.28 -29.68
CA ASN B 139 7.48 -12.84 -30.93
C ASN B 139 8.64 -11.97 -31.43
N GLU B 140 8.45 -10.65 -31.38
CA GLU B 140 9.48 -9.70 -31.82
C GLU B 140 10.75 -9.82 -30.96
N ILE B 141 10.55 -9.85 -29.63
CA ILE B 141 11.64 -9.99 -28.65
C ILE B 141 12.39 -11.32 -28.75
N ALA B 142 11.65 -12.43 -28.90
CA ALA B 142 12.26 -13.75 -29.06
C ALA B 142 13.13 -13.80 -30.31
N GLY B 143 12.59 -13.35 -31.45
CA GLY B 143 13.37 -13.19 -32.68
C GLY B 143 14.68 -12.44 -32.48
N LYS B 144 14.62 -11.31 -31.80
CA LYS B 144 15.80 -10.46 -31.54
C LYS B 144 16.86 -11.18 -30.71
N LEU B 145 16.45 -12.13 -29.87
CA LEU B 145 17.37 -12.86 -29.02
C LEU B 145 17.82 -14.18 -29.67
N GLY B 146 17.30 -14.45 -30.87
CA GLY B 146 17.49 -15.74 -31.55
C GLY B 146 17.01 -16.89 -30.68
N LYS B 147 15.92 -16.68 -29.96
CA LYS B 147 15.39 -17.68 -29.06
C LYS B 147 13.93 -17.97 -29.42
N LYS B 148 13.35 -18.97 -28.77
CA LYS B 148 11.91 -19.20 -28.82
C LYS B 148 11.29 -18.84 -27.47
N ALA B 149 10.08 -18.25 -27.53
CA ALA B 149 9.27 -18.05 -26.32
C ALA B 149 8.15 -19.08 -26.30
N ARG B 150 8.08 -19.86 -25.24
CA ARG B 150 7.03 -20.86 -25.06
C ARG B 150 5.80 -20.20 -24.46
N ILE B 151 4.64 -20.42 -25.07
CA ILE B 151 3.42 -19.72 -24.64
C ILE B 151 2.21 -20.61 -24.32
N ALA B 152 1.36 -20.07 -23.47
CA ALA B 152 -0.01 -20.52 -23.27
C ALA B 152 -0.89 -19.30 -23.41
N ILE B 153 -2.14 -19.49 -23.80
CA ILE B 153 -3.11 -18.40 -23.75
C ILE B 153 -3.87 -18.51 -22.43
N ARG B 154 -4.02 -17.37 -21.73
CA ARG B 154 -4.88 -17.34 -20.57
C ARG B 154 -6.35 -17.28 -20.99
N VAL B 155 -7.09 -18.32 -20.64
CA VAL B 155 -8.49 -18.43 -21.03
C VAL B 155 -9.41 -18.26 -19.83
N ASN B 156 -10.53 -17.58 -20.05
CA ASN B 156 -11.59 -17.39 -19.05
C ASN B 156 -12.73 -18.36 -19.35
N PRO B 157 -12.81 -19.47 -18.59
CA PRO B 157 -13.90 -20.42 -18.85
C PRO B 157 -15.26 -19.83 -18.43
N SER B 174 -12.94 -7.86 -15.97
CA SER B 174 -11.55 -7.67 -15.55
C SER B 174 -10.65 -7.56 -16.76
N LYS B 175 -9.40 -7.11 -16.52
CA LYS B 175 -8.39 -6.94 -17.58
C LYS B 175 -7.77 -8.27 -18.01
N PHE B 176 -8.10 -9.36 -17.30
CA PHE B 176 -7.41 -10.63 -17.52
C PHE B 176 -8.10 -11.61 -18.48
N GLY B 177 -7.29 -12.35 -19.22
CA GLY B 177 -7.73 -13.50 -20.01
C GLY B 177 -8.50 -13.15 -21.28
N VAL B 178 -8.90 -14.19 -22.00
CA VAL B 178 -9.78 -14.05 -23.14
C VAL B 178 -10.87 -15.10 -22.98
N ASP B 179 -12.09 -14.73 -23.35
CA ASP B 179 -13.21 -15.66 -23.43
C ASP B 179 -12.72 -16.92 -24.09
N ILE B 180 -12.94 -18.04 -23.40
CA ILE B 180 -12.45 -19.33 -23.88
C ILE B 180 -13.07 -19.62 -25.23
N ARG B 181 -14.24 -19.03 -25.48
CA ARG B 181 -14.97 -19.21 -26.71
C ARG B 181 -14.28 -18.52 -27.90
N GLU B 182 -13.29 -17.70 -27.59
CA GLU B 182 -12.52 -16.95 -28.60
C GLU B 182 -11.01 -17.22 -28.51
N ALA B 183 -10.62 -18.15 -27.64
CA ALA B 183 -9.20 -18.47 -27.42
C ALA B 183 -8.60 -19.21 -28.61
N GLN B 184 -9.43 -19.98 -29.31
CA GLN B 184 -8.94 -20.77 -30.42
C GLN B 184 -8.41 -19.89 -31.56
N LYS B 185 -9.05 -18.74 -31.75
CA LYS B 185 -8.61 -17.72 -32.70
C LYS B 185 -7.23 -17.15 -32.37
N GLU B 186 -6.97 -16.96 -31.08
CA GLU B 186 -5.63 -16.55 -30.65
C GLU B 186 -4.58 -17.64 -30.83
N TYR B 187 -4.95 -18.91 -30.64
CA TYR B 187 -4.04 -20.03 -30.86
C TYR B 187 -3.68 -20.15 -32.34
N GLU B 188 -4.68 -19.96 -33.19
CA GLU B 188 -4.46 -19.94 -34.65
C GLU B 188 -3.54 -18.79 -35.06
N TYR B 189 -3.77 -17.61 -34.49
CA TYR B 189 -2.94 -16.45 -34.73
C TYR B 189 -1.49 -16.70 -34.28
N ALA B 190 -1.34 -17.23 -33.06
CA ALA B 190 -0.02 -17.51 -32.49
C ALA B 190 0.76 -18.58 -33.25
N SER B 191 0.07 -19.51 -33.92
CA SER B 191 0.75 -20.56 -34.69
C SER B 191 1.53 -20.01 -35.89
N LYS B 192 1.16 -18.81 -36.32
CA LYS B 192 1.79 -18.17 -37.47
C LYS B 192 2.98 -17.29 -37.09
N LEU B 193 3.24 -17.18 -35.78
CA LEU B 193 4.39 -16.40 -35.29
C LEU B 193 5.61 -17.29 -35.08
N GLU B 194 6.61 -17.12 -35.93
CA GLU B 194 7.72 -18.08 -36.03
C GLU B 194 8.62 -18.22 -34.79
N ASN B 195 8.67 -17.19 -33.93
CA ASN B 195 9.53 -17.25 -32.73
C ASN B 195 8.81 -17.70 -31.45
N LEU B 196 7.54 -18.06 -31.57
CA LEU B 196 6.76 -18.56 -30.44
C LEU B 196 6.57 -20.05 -30.58
N GLU B 197 6.58 -20.74 -29.46
CA GLU B 197 6.26 -22.15 -29.43
C GLU B 197 5.04 -22.33 -28.52
N ILE B 198 3.92 -22.72 -29.11
CA ILE B 198 2.68 -22.97 -28.35
C ILE B 198 2.78 -24.28 -27.58
N VAL B 199 2.78 -24.19 -26.25
CA VAL B 199 2.95 -25.38 -25.40
C VAL B 199 1.87 -25.59 -24.32
N GLY B 200 1.02 -24.59 -24.12
CA GLY B 200 0.09 -24.67 -23.01
C GLY B 200 -1.25 -24.02 -23.15
N ILE B 201 -2.08 -24.24 -22.13
CA ILE B 201 -3.33 -23.52 -21.91
C ILE B 201 -3.31 -23.12 -20.46
N HIS B 202 -3.79 -21.91 -20.15
CA HIS B 202 -3.82 -21.43 -18.77
C HIS B 202 -5.21 -20.95 -18.39
N CYS B 203 -5.64 -21.29 -17.19
CA CYS B 203 -6.78 -20.59 -16.57
C CYS B 203 -6.50 -20.28 -15.12
N HIS B 204 -6.97 -19.14 -14.66
CA HIS B 204 -6.92 -18.82 -13.24
C HIS B 204 -8.26 -18.20 -12.91
N ILE B 205 -9.11 -18.99 -12.25
CA ILE B 205 -10.54 -18.66 -12.15
C ILE B 205 -10.95 -17.69 -11.03
N GLY B 206 -10.07 -17.46 -10.07
CA GLY B 206 -10.40 -16.54 -8.98
C GLY B 206 -9.51 -16.79 -7.78
N SER B 207 -9.89 -16.20 -6.65
CA SER B 207 -9.07 -16.30 -5.46
C SER B 207 -9.96 -16.45 -4.21
N GLN B 208 -9.39 -17.04 -3.17
CA GLN B 208 -10.09 -17.26 -1.91
C GLN B 208 -11.39 -18.04 -2.15
N ILE B 209 -11.26 -19.16 -2.85
CA ILE B 209 -12.40 -20.02 -3.21
C ILE B 209 -12.54 -21.11 -2.15
N LEU B 210 -13.60 -21.03 -1.35
CA LEU B 210 -13.88 -22.03 -0.29
C LEU B 210 -14.73 -23.22 -0.75
N ASP B 211 -15.76 -22.95 -1.57
CA ASP B 211 -16.52 -23.97 -2.28
C ASP B 211 -15.86 -24.18 -3.65
N ILE B 212 -15.22 -25.34 -3.81
CA ILE B 212 -14.42 -25.61 -5.00
C ILE B 212 -15.22 -26.06 -6.23
N SER B 213 -16.54 -26.14 -6.09
CA SER B 213 -17.46 -26.56 -7.18
C SER B 213 -17.14 -25.98 -8.56
N PRO B 214 -16.90 -24.65 -8.66
CA PRO B 214 -16.60 -24.02 -9.97
C PRO B 214 -15.38 -24.55 -10.70
N TYR B 215 -14.45 -25.16 -9.99
CA TYR B 215 -13.28 -25.74 -10.65
C TYR B 215 -13.66 -26.82 -11.66
N ARG B 216 -14.70 -27.59 -11.38
CA ARG B 216 -15.09 -28.67 -12.29
C ARG B 216 -15.43 -28.12 -13.68
N GLU B 217 -16.39 -27.19 -13.75
CA GLU B 217 -16.82 -26.63 -15.03
C GLU B 217 -15.69 -25.89 -15.72
N ALA B 218 -14.92 -25.14 -14.92
CA ALA B 218 -13.78 -24.39 -15.43
C ALA B 218 -12.78 -25.30 -16.12
N VAL B 219 -12.32 -26.32 -15.39
CA VAL B 219 -11.36 -27.28 -15.93
C VAL B 219 -11.97 -28.11 -17.09
N GLU B 220 -13.27 -28.38 -17.02
CA GLU B 220 -13.97 -29.05 -18.12
C GLU B 220 -13.82 -28.26 -19.42
N LYS B 221 -14.03 -26.96 -19.34
CA LYS B 221 -13.86 -26.08 -20.50
C LYS B 221 -12.43 -26.14 -21.05
N VAL B 222 -11.45 -26.13 -20.16
CA VAL B 222 -10.06 -26.22 -20.55
C VAL B 222 -9.73 -27.56 -21.20
N VAL B 223 -10.29 -28.64 -20.64
CA VAL B 223 -10.09 -30.00 -21.16
C VAL B 223 -10.69 -30.10 -22.58
N SER B 224 -11.88 -29.55 -22.75
CA SER B 224 -12.49 -29.47 -24.08
C SER B 224 -11.65 -28.65 -25.07
N LEU B 225 -11.14 -27.50 -24.63
CA LEU B 225 -10.24 -26.72 -25.49
C LEU B 225 -8.98 -27.54 -25.85
N TYR B 226 -8.44 -28.23 -24.86
CA TYR B 226 -7.27 -29.08 -25.07
C TYR B 226 -7.55 -30.13 -26.15
N GLU B 227 -8.70 -30.80 -26.05
CA GLU B 227 -9.08 -31.81 -27.03
C GLU B 227 -9.19 -31.22 -28.42
N SER B 228 -9.86 -30.08 -28.52
CA SER B 228 -10.02 -29.38 -29.78
C SER B 228 -8.68 -28.94 -30.41
N LEU B 229 -7.79 -28.35 -29.61
CA LEU B 229 -6.46 -27.95 -30.09
C LEU B 229 -5.60 -29.14 -30.50
N THR B 230 -5.66 -30.23 -29.73
CA THR B 230 -4.91 -31.45 -30.06
C THR B 230 -5.38 -32.05 -31.41
N GLN B 231 -6.69 -32.05 -31.64
CA GLN B 231 -7.27 -32.49 -32.91
C GLN B 231 -6.79 -31.61 -34.08
N LYS B 232 -6.70 -30.30 -33.84
CA LYS B 232 -6.21 -29.35 -34.85
C LYS B 232 -4.71 -29.39 -35.10
N GLY B 233 -3.98 -30.23 -34.35
CA GLY B 233 -2.56 -30.40 -34.57
C GLY B 233 -1.61 -29.66 -33.62
N PHE B 234 -2.16 -28.99 -32.60
CA PHE B 234 -1.31 -28.32 -31.59
C PHE B 234 -0.75 -29.35 -30.61
N ASP B 235 0.46 -29.11 -30.11
CA ASP B 235 1.09 -29.95 -29.12
C ASP B 235 1.03 -29.26 -27.76
N ILE B 236 -0.06 -29.50 -27.04
CA ILE B 236 -0.27 -28.90 -25.73
C ILE B 236 0.37 -29.79 -24.67
N LYS B 237 1.56 -29.37 -24.23
CA LYS B 237 2.32 -30.11 -23.23
C LYS B 237 1.88 -29.82 -21.80
N TYR B 238 1.34 -28.61 -21.56
CA TYR B 238 0.99 -28.14 -20.19
C TYR B 238 -0.43 -27.59 -20.08
N LEU B 239 -1.09 -27.96 -19.00
CA LEU B 239 -2.36 -27.39 -18.62
C LEU B 239 -2.18 -26.79 -17.24
N ASP B 240 -2.09 -25.47 -17.22
CA ASP B 240 -1.88 -24.71 -16.00
C ASP B 240 -3.27 -24.25 -15.51
N ILE B 241 -3.76 -24.87 -14.44
CA ILE B 241 -5.12 -24.64 -14.00
C ILE B 241 -5.21 -23.61 -12.87
N GLY B 242 -4.11 -22.94 -12.58
CA GLY B 242 -4.13 -21.76 -11.72
C GLY B 242 -4.07 -22.06 -10.24
N GLY B 243 -4.33 -21.02 -9.45
CA GLY B 243 -4.36 -21.17 -8.01
C GLY B 243 -5.76 -20.85 -7.52
N GLY B 244 -5.86 -20.21 -6.36
CA GLY B 244 -7.14 -19.69 -5.89
C GLY B 244 -7.84 -20.46 -4.79
N LEU B 245 -7.33 -21.64 -4.43
CA LEU B 245 -7.90 -22.36 -3.27
C LEU B 245 -7.91 -21.45 -2.05
N GLY B 246 -9.06 -21.34 -1.39
CA GLY B 246 -9.20 -20.44 -0.24
C GLY B 246 -8.71 -21.01 1.07
N ILE B 247 -8.56 -20.14 2.06
CA ILE B 247 -8.08 -20.54 3.37
C ILE B 247 -9.07 -20.08 4.42
N LYS B 248 -8.88 -20.59 5.63
CA LYS B 248 -9.72 -20.21 6.75
C LYS B 248 -9.33 -18.82 7.21
N TYR B 249 -10.26 -17.88 7.08
CA TYR B 249 -10.09 -16.56 7.71
C TYR B 249 -11.03 -16.38 8.91
N LYS B 250 -12.30 -16.71 8.72
CA LYS B 250 -13.32 -16.58 9.76
C LYS B 250 -13.44 -17.88 10.56
N PRO B 251 -13.80 -17.77 11.86
CA PRO B 251 -13.90 -18.97 12.71
C PRO B 251 -14.79 -20.05 12.09
N GLU B 252 -15.84 -19.63 11.37
CA GLU B 252 -16.82 -20.51 10.72
C GLU B 252 -16.41 -21.03 9.34
N ASP B 253 -15.32 -20.48 8.76
CA ASP B 253 -14.82 -20.91 7.45
C ASP B 253 -14.32 -22.35 7.53
N LYS B 254 -14.64 -23.14 6.51
CA LYS B 254 -14.10 -24.48 6.39
C LYS B 254 -13.31 -24.50 5.10
N GLU B 255 -11.98 -24.61 5.19
CA GLU B 255 -11.18 -24.51 3.96
C GLU B 255 -11.07 -25.87 3.24
N PRO B 256 -11.04 -25.86 1.90
CA PRO B 256 -10.85 -27.08 1.15
C PRO B 256 -9.38 -27.51 1.24
N ALA B 257 -9.10 -28.81 1.06
CA ALA B 257 -7.73 -29.32 1.03
C ALA B 257 -7.32 -29.54 -0.43
N PRO B 258 -6.01 -29.54 -0.71
CA PRO B 258 -5.59 -29.93 -2.05
C PRO B 258 -6.18 -31.28 -2.48
N GLN B 259 -6.24 -32.25 -1.56
CA GLN B 259 -6.83 -33.55 -1.88
C GLN B 259 -8.30 -33.47 -2.34
N ASP B 260 -9.06 -32.53 -1.78
CA ASP B 260 -10.43 -32.29 -2.25
C ASP B 260 -10.49 -31.84 -3.72
N LEU B 261 -9.54 -30.98 -4.12
CA LEU B 261 -9.45 -30.55 -5.51
C LEU B 261 -9.03 -31.69 -6.41
N ALA B 262 -8.07 -32.50 -5.95
CA ALA B 262 -7.62 -33.65 -6.73
C ALA B 262 -8.77 -34.64 -6.97
N ASP B 263 -9.59 -34.87 -5.93
CA ASP B 263 -10.77 -35.73 -6.01
C ASP B 263 -11.80 -35.20 -7.00
N LEU B 264 -12.07 -33.90 -6.91
CA LEU B 264 -13.01 -33.27 -7.80
C LEU B 264 -12.57 -33.40 -9.27
N LEU B 265 -11.26 -33.33 -9.53
CA LEU B 265 -10.76 -33.22 -10.91
C LEU B 265 -10.18 -34.51 -11.50
N LYS B 266 -10.06 -35.56 -10.67
CA LYS B 266 -9.37 -36.79 -11.09
C LYS B 266 -9.91 -37.31 -12.43
N ASP B 267 -11.23 -37.52 -12.49
CA ASP B 267 -11.81 -38.16 -13.68
C ASP B 267 -11.69 -37.25 -14.91
N LEU B 268 -11.91 -35.96 -14.70
CA LEU B 268 -11.73 -34.96 -15.73
C LEU B 268 -10.30 -34.97 -16.32
N LEU B 269 -9.29 -35.03 -15.45
CA LEU B 269 -7.89 -34.99 -15.88
C LEU B 269 -7.38 -36.32 -16.46
N GLU B 270 -8.12 -37.40 -16.22
CA GLU B 270 -7.78 -38.66 -16.88
C GLU B 270 -7.90 -38.55 -18.41
N ASN B 271 -8.64 -37.55 -18.89
CA ASN B 271 -8.80 -37.33 -20.33
C ASN B 271 -7.55 -36.75 -21.00
N VAL B 272 -6.60 -36.28 -20.22
CA VAL B 272 -5.48 -35.53 -20.80
C VAL B 272 -4.10 -36.14 -20.54
N LYS B 273 -3.21 -35.98 -21.52
CA LYS B 273 -1.84 -36.44 -21.41
C LYS B 273 -0.91 -35.34 -20.89
N ALA B 274 -1.37 -34.09 -20.96
CA ALA B 274 -0.58 -32.93 -20.57
C ALA B 274 -0.13 -32.96 -19.11
N LYS B 275 1.02 -32.35 -18.83
CA LYS B 275 1.47 -32.15 -17.45
C LYS B 275 0.66 -30.99 -16.86
N ILE B 276 0.15 -31.21 -15.64
CA ILE B 276 -0.71 -30.25 -14.96
C ILE B 276 0.17 -29.31 -14.16
N ILE B 277 -0.16 -28.02 -14.16
CA ILE B 277 0.54 -27.02 -13.36
C ILE B 277 -0.50 -26.37 -12.46
N LEU B 278 -0.18 -26.25 -11.17
CA LEU B 278 -0.99 -25.50 -10.20
C LEU B 278 -0.18 -24.33 -9.68
N GLU B 279 -0.87 -23.25 -9.31
CA GLU B 279 -0.21 -22.01 -8.86
C GLU B 279 -0.65 -21.51 -7.47
N PRO B 280 -0.51 -22.32 -6.41
CA PRO B 280 -1.05 -21.85 -5.14
C PRO B 280 -0.19 -20.73 -4.53
N GLY B 281 -0.84 -19.71 -3.96
CA GLY B 281 -0.12 -18.68 -3.18
C GLY B 281 -0.65 -18.64 -1.76
N ARG B 282 -1.85 -18.07 -1.61
CA ARG B 282 -2.53 -17.92 -0.33
C ARG B 282 -2.65 -19.25 0.47
N SER B 283 -2.98 -20.35 -0.23
CA SER B 283 -3.18 -21.64 0.47
C SER B 283 -1.90 -22.24 1.05
N ILE B 284 -0.74 -21.74 0.63
CA ILE B 284 0.53 -22.15 1.25
C ILE B 284 0.94 -21.15 2.32
N MET B 285 0.85 -19.86 2.00
CA MET B 285 1.42 -18.83 2.87
C MET B 285 0.47 -18.20 3.90
N GLY B 286 -0.82 -18.16 3.59
CA GLY B 286 -1.79 -17.33 4.32
C GLY B 286 -1.80 -17.55 5.81
N ASN B 287 -2.07 -18.79 6.23
CA ASN B 287 -2.10 -19.10 7.66
C ASN B 287 -0.75 -19.50 8.24
N ALA B 288 0.28 -19.45 7.40
CA ALA B 288 1.67 -19.68 7.82
C ALA B 288 2.21 -18.50 8.62
N GLY B 289 1.65 -17.31 8.39
CA GLY B 289 2.16 -16.09 9.00
C GLY B 289 1.16 -15.44 9.92
N ILE B 290 1.67 -14.86 11.00
CA ILE B 290 0.85 -14.10 11.92
C ILE B 290 1.53 -12.76 12.22
N LEU B 291 0.73 -11.74 12.47
CA LEU B 291 1.26 -10.41 12.74
C LEU B 291 1.09 -10.10 14.23
N ILE B 292 2.20 -9.81 14.89
CA ILE B 292 2.19 -9.46 16.31
C ILE B 292 2.28 -7.96 16.45
N THR B 293 1.40 -7.42 17.29
CA THR B 293 1.34 -5.99 17.49
C THR B 293 1.16 -5.66 18.97
N GLN B 294 1.69 -4.53 19.41
CA GLN B 294 1.57 -4.13 20.82
C GLN B 294 0.55 -3.00 20.99
N VAL B 295 -0.28 -3.15 22.01
CA VAL B 295 -1.26 -2.14 22.40
C VAL B 295 -0.55 -0.90 22.95
N GLN B 296 -0.87 0.26 22.37
CA GLN B 296 -0.28 1.53 22.75
C GLN B 296 -1.23 2.32 23.63
N PHE B 297 -2.50 2.43 23.22
CA PHE B 297 -3.50 3.20 23.98
C PHE B 297 -4.87 2.51 23.96
N LEU B 298 -5.63 2.71 25.04
CA LEU B 298 -7.07 2.47 25.05
C LEU B 298 -7.76 3.82 25.11
N LYS B 299 -8.87 3.94 24.37
CA LYS B 299 -9.60 5.19 24.24
C LYS B 299 -11.09 4.87 24.04
N ASP B 300 -11.93 5.49 24.87
CA ASP B 300 -13.39 5.41 24.68
C ASP B 300 -13.93 6.71 24.11
N LYS B 301 -14.80 6.58 23.11
CA LYS B 301 -15.35 7.73 22.47
C LYS B 301 -16.83 7.41 22.27
N GLY B 302 -17.67 8.04 23.10
CA GLY B 302 -19.09 7.70 23.16
C GLY B 302 -19.30 6.27 23.64
N SER B 303 -19.94 5.46 22.79
CA SER B 303 -20.21 4.05 23.10
C SER B 303 -19.16 3.10 22.53
N LYS B 304 -18.11 3.63 21.91
CA LYS B 304 -17.08 2.78 21.28
C LYS B 304 -15.81 2.65 22.13
N HIS B 305 -15.25 1.44 22.14
CA HIS B 305 -13.96 1.17 22.75
C HIS B 305 -12.94 1.02 21.61
N PHE B 306 -11.88 1.82 21.67
CA PHE B 306 -10.77 1.70 20.73
C PHE B 306 -9.55 1.11 21.44
N ILE B 307 -8.94 0.13 20.78
CA ILE B 307 -7.68 -0.45 21.21
C ILE B 307 -6.67 -0.04 20.12
N ILE B 308 -5.79 0.90 20.48
CA ILE B 308 -4.85 1.48 19.51
C ILE B 308 -3.54 0.72 19.59
N VAL B 309 -3.09 0.16 18.47
CA VAL B 309 -1.91 -0.69 18.42
C VAL B 309 -0.83 -0.10 17.51
N ASP B 310 0.35 -0.74 17.46
CA ASP B 310 1.46 -0.16 16.70
C ASP B 310 1.54 -0.62 15.25
N ALA B 311 0.65 -1.54 14.87
CA ALA B 311 0.57 -2.02 13.49
C ALA B 311 -0.67 -1.46 12.86
N GLY B 312 -0.56 -1.05 11.61
CA GLY B 312 -1.71 -0.48 10.90
C GLY B 312 -1.81 -0.94 9.47
N MET B 313 -2.58 -0.18 8.69
CA MET B 313 -2.80 -0.52 7.28
C MET B 313 -1.49 -0.52 6.48
N ASN B 314 -0.49 0.17 7.01
CA ASN B 314 0.86 0.16 6.46
C ASN B 314 1.53 -1.20 6.56
N ASP B 315 1.09 -2.00 7.55
CA ASP B 315 1.65 -3.34 7.81
C ASP B 315 0.78 -4.43 7.21
N LEU B 316 -0.55 -4.29 7.38
CA LEU B 316 -1.51 -5.25 6.86
C LEU B 316 -2.70 -4.46 6.37
N ILE B 317 -2.85 -4.44 5.06
CA ILE B 317 -3.81 -3.52 4.43
C ILE B 317 -5.20 -4.13 4.23
N ARG B 318 -5.31 -5.46 4.36
CA ARG B 318 -6.54 -6.16 3.93
C ARG B 318 -7.83 -5.68 4.65
N PRO B 319 -7.81 -5.55 6.00
CA PRO B 319 -9.01 -5.02 6.68
C PRO B 319 -9.44 -3.65 6.13
N SER B 320 -8.50 -2.72 6.02
CA SER B 320 -8.77 -1.35 5.57
C SER B 320 -9.38 -1.29 4.17
N ILE B 321 -8.77 -1.97 3.21
CA ILE B 321 -9.18 -1.82 1.82
C ILE B 321 -10.22 -2.82 1.32
N TYR B 322 -10.35 -3.96 2.01
CA TYR B 322 -11.31 -4.99 1.62
C TYR B 322 -12.42 -5.25 2.67
N ASN B 323 -12.33 -4.58 3.82
CA ASN B 323 -13.10 -4.93 5.04
C ASN B 323 -12.91 -6.41 5.38
N ALA B 324 -11.70 -6.90 5.12
CA ALA B 324 -11.35 -8.29 5.31
C ALA B 324 -11.33 -8.65 6.78
N TYR B 325 -11.78 -9.86 7.08
CA TYR B 325 -11.73 -10.42 8.41
C TYR B 325 -10.38 -11.15 8.63
N HIS B 326 -9.65 -10.70 9.63
CA HIS B 326 -8.54 -11.43 10.22
C HIS B 326 -8.87 -11.68 11.71
N HIS B 327 -8.73 -12.92 12.14
CA HIS B 327 -8.93 -13.29 13.53
C HIS B 327 -7.81 -12.66 14.38
N ILE B 328 -8.21 -12.04 15.49
CA ILE B 328 -7.25 -11.37 16.38
C ILE B 328 -7.42 -11.91 17.82
N ILE B 329 -6.32 -12.38 18.40
CA ILE B 329 -6.32 -13.02 19.70
C ILE B 329 -5.22 -12.42 20.58
N PRO B 330 -5.41 -12.46 21.91
CA PRO B 330 -4.35 -12.01 22.81
C PRO B 330 -3.20 -13.02 22.87
N VAL B 331 -1.98 -12.51 22.96
CA VAL B 331 -0.80 -13.36 23.15
C VAL B 331 -0.83 -13.96 24.59
N GLU B 332 -1.41 -13.21 25.53
CA GLU B 332 -1.64 -13.69 26.90
C GLU B 332 -3.16 -13.74 27.20
N THR B 333 -3.69 -14.95 27.45
CA THR B 333 -5.06 -15.10 27.98
C THR B 333 -5.02 -14.91 29.49
N LYS B 334 -5.94 -14.12 30.02
CA LYS B 334 -5.94 -13.80 31.47
C LYS B 334 -7.29 -13.94 32.18
N GLU B 335 -8.19 -14.78 31.64
CA GLU B 335 -9.54 -14.94 32.22
C GLU B 335 -10.11 -13.58 32.62
N ARG B 336 -10.29 -12.74 31.61
CA ARG B 336 -10.89 -11.43 31.76
C ARG B 336 -12.19 -11.40 30.96
N LYS B 337 -12.99 -10.37 31.20
CA LYS B 337 -14.18 -10.08 30.41
C LYS B 337 -13.77 -9.73 28.96
N LYS B 338 -14.64 -10.06 28.00
CA LYS B 338 -14.43 -9.64 26.62
C LYS B 338 -15.17 -8.33 26.37
N VAL B 339 -14.62 -7.51 25.47
CA VAL B 339 -15.27 -6.27 25.08
C VAL B 339 -15.40 -6.22 23.57
N VAL B 340 -16.34 -5.42 23.09
CA VAL B 340 -16.45 -5.12 21.68
C VAL B 340 -15.64 -3.87 21.43
N ALA B 341 -14.68 -3.96 20.51
CA ALA B 341 -13.73 -2.87 20.26
C ALA B 341 -13.40 -2.71 18.79
N ASP B 342 -13.01 -1.49 18.42
CA ASP B 342 -12.30 -1.24 17.17
C ASP B 342 -10.81 -1.35 17.46
N ILE B 343 -10.11 -2.20 16.70
CA ILE B 343 -8.68 -2.39 16.90
C ILE B 343 -8.04 -1.63 15.77
N VAL B 344 -7.39 -0.52 16.11
CA VAL B 344 -6.99 0.45 15.09
C VAL B 344 -5.48 0.73 15.19
N GLY B 345 -4.88 1.16 14.08
CA GLY B 345 -3.44 1.33 14.04
C GLY B 345 -2.98 2.76 14.22
N PRO B 346 -1.68 3.02 13.95
CA PRO B 346 -1.03 4.30 14.15
C PRO B 346 -1.24 5.30 13.00
N ILE B 347 -1.70 4.81 11.84
CA ILE B 347 -1.77 5.65 10.63
C ILE B 347 -2.84 6.74 10.76
N CYS B 348 -2.53 7.92 10.23
CA CYS B 348 -3.45 9.05 10.27
C CYS B 348 -4.49 8.96 9.13
N GLU B 349 -5.36 7.97 9.26
CA GLU B 349 -6.52 7.76 8.37
C GLU B 349 -7.64 7.20 9.25
N THR B 350 -8.87 7.63 8.99
CA THR B 350 -10.06 7.04 9.62
C THR B 350 -10.16 5.57 9.25
N GLY B 351 -9.71 5.24 8.04
CA GLY B 351 -9.77 3.86 7.53
C GLY B 351 -8.65 2.94 7.95
N ASP B 352 -7.74 3.42 8.81
CA ASP B 352 -6.66 2.58 9.32
C ASP B 352 -7.10 1.74 10.55
N PHE B 353 -7.61 0.54 10.28
CA PHE B 353 -8.03 -0.36 11.35
C PHE B 353 -7.60 -1.77 10.99
N LEU B 354 -7.48 -2.63 12.00
CA LEU B 354 -7.27 -4.05 11.80
C LEU B 354 -8.57 -4.86 11.99
N ALA B 355 -9.49 -4.34 12.79
CA ALA B 355 -10.82 -4.97 13.02
C ALA B 355 -11.79 -3.95 13.59
N LEU B 356 -13.06 -4.06 13.20
CA LEU B 356 -14.11 -3.18 13.71
C LEU B 356 -15.17 -3.95 14.47
N ASP B 357 -15.67 -3.37 15.57
CA ASP B 357 -16.78 -3.97 16.35
C ASP B 357 -16.50 -5.43 16.67
N ARG B 358 -15.28 -5.73 17.11
CA ARG B 358 -14.84 -7.10 17.31
C ARG B 358 -14.77 -7.44 18.79
N GLU B 359 -15.22 -8.66 19.11
CA GLU B 359 -15.11 -9.20 20.47
C GLU B 359 -13.68 -9.62 20.73
N ILE B 360 -13.16 -9.17 21.85
CA ILE B 360 -11.80 -9.49 22.26
C ILE B 360 -11.67 -9.32 23.77
N GLU B 361 -10.85 -10.18 24.37
CA GLU B 361 -10.46 -10.08 25.77
C GLU B 361 -9.96 -8.67 26.00
N GLU B 362 -10.37 -8.08 27.13
CA GLU B 362 -9.88 -6.78 27.52
C GLU B 362 -8.36 -6.91 27.58
N VAL B 363 -7.66 -6.01 26.91
CA VAL B 363 -6.20 -5.98 26.90
C VAL B 363 -5.74 -4.61 27.34
N GLN B 364 -4.53 -4.51 27.90
CA GLN B 364 -4.03 -3.23 28.37
C GLN B 364 -2.82 -2.76 27.57
N ARG B 365 -2.46 -1.49 27.76
CA ARG B 365 -1.27 -0.91 27.16
C ARG B 365 -0.06 -1.80 27.47
N GLY B 366 0.73 -2.12 26.44
CA GLY B 366 1.94 -2.93 26.61
C GLY B 366 1.73 -4.41 26.25
N GLU B 367 0.48 -4.87 26.29
CA GLU B 367 0.17 -6.25 25.92
C GLU B 367 0.26 -6.45 24.41
N TYR B 368 0.49 -7.68 23.98
CA TYR B 368 0.57 -8.00 22.55
C TYR B 368 -0.67 -8.74 22.04
N LEU B 369 -1.02 -8.47 20.78
CA LEU B 369 -2.09 -9.20 20.08
C LEU B 369 -1.50 -9.95 18.87
N ALA B 370 -2.10 -11.09 18.52
CA ALA B 370 -1.77 -11.83 17.31
C ALA B 370 -2.88 -11.72 16.28
N VAL B 371 -2.52 -11.21 15.10
CA VAL B 371 -3.43 -11.12 13.96
C VAL B 371 -3.16 -12.33 13.06
N LEU B 372 -4.15 -13.20 12.91
CA LEU B 372 -3.92 -14.48 12.22
C LEU B 372 -4.05 -14.32 10.71
N SER B 373 -3.59 -15.33 9.97
CA SER B 373 -3.87 -15.43 8.52
C SER B 373 -3.21 -14.29 7.75
N ALA B 374 -2.02 -13.90 8.19
CA ALA B 374 -1.36 -12.71 7.67
C ALA B 374 -0.14 -12.99 6.79
N GLY B 375 0.04 -14.25 6.40
CA GLY B 375 1.24 -14.70 5.68
C GLY B 375 1.22 -14.45 4.18
N ALA B 376 0.02 -14.19 3.67
CA ALA B 376 -0.21 -13.97 2.23
C ALA B 376 -0.88 -12.63 2.02
N TYR B 377 -0.35 -11.84 1.08
CA TYR B 377 -0.88 -10.46 0.83
C TYR B 377 -0.87 -9.62 2.12
N GLY B 378 0.15 -9.84 2.95
CA GLY B 378 0.32 -9.10 4.21
C GLY B 378 1.52 -8.18 4.05
N PHE B 379 2.71 -8.68 4.39
CA PHE B 379 3.90 -7.90 4.14
C PHE B 379 4.00 -7.46 2.67
N ALA B 380 3.52 -8.30 1.76
CA ALA B 380 3.61 -8.04 0.32
C ALA B 380 3.00 -6.67 -0.08
N MET B 381 1.98 -6.23 0.66
CA MET B 381 1.31 -4.96 0.37
C MET B 381 1.67 -3.84 1.37
N SER B 382 2.64 -4.12 2.23
CA SER B 382 3.12 -3.18 3.24
C SER B 382 3.88 -1.99 2.61
N SER B 383 3.58 -0.78 3.11
CA SER B 383 4.14 0.45 2.55
C SER B 383 4.88 1.23 3.63
N HIS B 384 5.31 2.45 3.27
CA HIS B 384 5.98 3.37 4.19
C HIS B 384 5.13 4.59 4.50
N TYR B 385 3.82 4.48 4.29
CA TYR B 385 2.92 5.57 4.57
C TYR B 385 3.15 6.11 5.98
N ASN B 386 3.18 7.45 6.10
CA ASN B 386 3.47 8.13 7.36
C ASN B 386 4.93 7.93 7.81
N MET B 387 5.82 7.60 6.86
CA MET B 387 7.24 7.41 7.17
C MET B 387 7.43 6.32 8.23
N ARG B 388 6.65 5.25 8.13
CA ARG B 388 6.74 4.14 9.06
C ARG B 388 7.57 3.01 8.50
N PRO B 389 8.72 2.70 9.15
CA PRO B 389 9.50 1.55 8.69
C PRO B 389 8.69 0.26 8.83
N ARG B 390 8.89 -0.65 7.90
CA ARG B 390 8.17 -1.91 7.90
C ARG B 390 8.72 -2.89 8.94
N ALA B 391 7.90 -3.90 9.24
CA ALA B 391 8.13 -4.82 10.34
C ALA B 391 9.31 -5.76 10.07
N ALA B 392 9.91 -6.24 11.15
CA ALA B 392 10.84 -7.39 11.06
C ALA B 392 10.00 -8.64 10.70
N GLU B 393 10.66 -9.62 10.07
CA GLU B 393 10.06 -10.91 9.80
C GLU B 393 10.94 -12.04 10.39
N VAL B 394 10.32 -12.97 11.10
CA VAL B 394 11.07 -14.09 11.69
C VAL B 394 10.41 -15.39 11.28
N LEU B 395 11.23 -16.44 11.15
CA LEU B 395 10.79 -17.76 10.74
C LEU B 395 11.11 -18.75 11.87
N VAL B 396 10.07 -19.38 12.40
CA VAL B 396 10.21 -20.31 13.51
C VAL B 396 10.20 -21.75 12.97
N GLU B 397 11.05 -22.60 13.54
CA GLU B 397 11.04 -24.03 13.20
C GLU B 397 11.44 -24.84 14.43
N ASN B 398 10.50 -25.63 14.92
CA ASN B 398 10.73 -26.58 16.02
C ASN B 398 11.56 -25.96 17.18
N GLY B 399 11.01 -24.93 17.80
CA GLY B 399 11.66 -24.27 18.95
C GLY B 399 12.77 -23.27 18.66
N SER B 400 13.23 -23.16 17.42
CA SER B 400 14.28 -22.19 17.13
C SER B 400 13.81 -21.15 16.10
N VAL B 401 14.61 -20.10 15.90
CA VAL B 401 14.20 -18.97 15.05
C VAL B 401 15.30 -18.45 14.15
N LYS B 402 14.91 -17.99 12.98
CA LYS B 402 15.79 -17.25 12.12
C LYS B 402 15.18 -15.88 11.80
N LEU B 403 15.99 -14.85 11.88
CA LEU B 403 15.57 -13.54 11.41
C LEU B 403 15.63 -13.56 9.89
N ILE B 404 14.48 -13.39 9.22
CA ILE B 404 14.46 -13.47 7.75
C ILE B 404 14.23 -12.10 7.04
N ARG B 405 13.92 -11.07 7.82
CA ARG B 405 13.98 -9.67 7.36
C ARG B 405 14.20 -8.77 8.56
N LYS B 406 15.28 -7.99 8.54
CA LYS B 406 15.54 -7.01 9.60
C LYS B 406 14.46 -5.93 9.54
N ARG B 407 14.13 -5.39 10.70
CA ARG B 407 13.30 -4.20 10.76
C ARG B 407 14.02 -3.06 10.04
N GLU B 408 13.26 -2.33 9.22
CA GLU B 408 13.78 -1.15 8.53
C GLU B 408 13.96 0.00 9.52
N ASN B 409 14.77 0.97 9.12
CA ASN B 409 14.86 2.23 9.82
C ASN B 409 14.48 3.38 8.88
N TYR B 410 14.42 4.60 9.40
CA TYR B 410 14.03 5.76 8.59
C TYR B 410 14.95 5.99 7.38
N ASP B 411 16.25 5.77 7.61
CA ASP B 411 17.22 5.97 6.56
C ASP B 411 16.87 5.11 5.33
N TYR B 412 16.43 3.86 5.58
CA TYR B 412 16.07 2.94 4.48
C TYR B 412 14.95 3.47 3.58
N ILE B 413 13.93 4.03 4.19
CA ILE B 413 12.79 4.62 3.48
C ILE B 413 13.25 5.68 2.46
N VAL B 414 14.13 6.58 2.90
CA VAL B 414 14.53 7.71 2.05
C VAL B 414 15.92 7.57 1.39
N GLU B 415 16.53 6.40 1.52
CA GLU B 415 17.88 6.16 0.98
C GLU B 415 18.04 6.56 -0.51
N PRO B 416 17.07 6.21 -1.38
CA PRO B 416 17.16 6.63 -2.79
C PRO B 416 17.09 8.15 -3.04
N SER B 417 16.79 8.93 -2.00
CA SER B 417 16.80 10.40 -2.09
C SER B 417 18.10 11.02 -1.54
N LEU B 418 18.88 10.22 -0.83
CA LEU B 418 20.12 10.72 -0.23
C LEU B 418 21.27 10.79 -1.24
N ASP B 419 21.88 11.97 -1.36
CA ASP B 419 23.09 12.20 -2.17
C ASP B 419 22.94 11.79 -3.66
N ILE B 420 21.91 12.37 -4.28
CA ILE B 420 21.55 12.13 -5.69
C ILE B 420 20.49 11.02 -5.82
#